data_7WUX
#
_entry.id   7WUX
#
_cell.length_a   54.872
_cell.length_b   131.756
_cell.length_c   157.702
_cell.angle_alpha   90.000
_cell.angle_beta   90.000
_cell.angle_gamma   90.000
#
_symmetry.space_group_name_H-M   'P 21 21 21'
#
loop_
_entity.id
_entity.type
_entity.pdbx_description
1 polymer AziU2
2 polymer AziU3
3 non-polymer 'TRIETHYLENE GLYCOL'
4 non-polymer 1-ETHOXY-2-(2-ETHOXYETHOXY)ETHANE
5 non-polymer '(2S,5S,6S)-2,6-bis(azanyl)-5-oxidanyl-7-sulfooxy-heptanoic acid'
6 non-polymer 'MAGNESIUM ION'
7 water water
#
loop_
_entity_poly.entity_id
_entity_poly.type
_entity_poly.pdbx_seq_one_letter_code
_entity_poly.pdbx_strand_id
1 'polypeptide(L)'
;MASWSHPQFEKGGTHVAETSAPTRSEPDTRVLTLPGTASAPEFRLIDIDGLLNNRATTDVRDLGSGRLNAWGNSFPAAEL
PAPGSLITVAGIPFTWANAHARGDNIRCEGQVVDIPPGQYDWIYLLAASERRSEDTIWAHYDDGHADPLRVGISDFLDGT
PAFGELSAFRTSRMHYPHHVQEGLPTTMWLTRVGMPRHGVARSLRLPRSVAMHVFALTLRTAAAVRLAEGATT
;
A,B
2 'polypeptide(L)'
;MGSSHHHHHHSQDPNSTTTAPPVELWTRDLGSCLHGTLATALIRDGHDPVTVLGAPWEFRRRPGAWSSEEYFFFAEPDSL
AGRLALYHPFESTWHRSDGDGVDDLREALAAGVLPIAAVDNFHLPFRPAFHDVHAAHLLVVYRITETEVYVSDAQPPAFQ
GAIPLADFLASWGSLNPPDDADVFFSASPSGRRWLRTRMTGPVPEPDRHWVGRVIRENVARYRQEPPADTQTGLPGLRRY
LDELCALTPGTNAASEALSELYVISWNIQAQSGLHAEFLRAHSVKWRIPELAEAAAGVDAVAHGWTGVRMTGAHSRVWQR
HRPAELRGHATALVRRLEAALDLLELAADAVS
;
C,D
#
# COMPACT_ATOMS: atom_id res chain seq x y z
N LEU A 32 22.27 3.08 -23.27
CA LEU A 32 23.01 4.36 -23.21
C LEU A 32 23.30 4.71 -21.74
N THR A 33 24.56 5.01 -21.43
CA THR A 33 25.09 5.26 -20.06
C THR A 33 25.78 6.63 -20.06
N LEU A 34 25.49 7.48 -19.08
CA LEU A 34 26.15 8.81 -18.91
C LEU A 34 26.58 8.96 -17.47
N PRO A 35 27.83 9.40 -17.21
CA PRO A 35 28.32 9.61 -15.85
C PRO A 35 27.61 10.81 -15.22
N GLY A 36 27.26 10.70 -13.94
CA GLY A 36 26.61 11.77 -13.16
C GLY A 36 27.51 12.29 -12.07
N THR A 37 27.11 13.39 -11.44
CA THR A 37 27.80 14.01 -10.28
C THR A 37 26.73 14.57 -9.35
N ALA A 38 26.78 14.19 -8.07
CA ALA A 38 25.86 14.63 -7.01
C ALA A 38 26.64 15.40 -5.95
N SER A 39 26.18 16.61 -5.61
CA SER A 39 26.77 17.48 -4.55
C SER A 39 26.73 16.73 -3.21
N ALA A 40 27.58 17.15 -2.28
CA ALA A 40 27.63 16.63 -0.89
C ALA A 40 26.31 16.94 -0.20
N PRO A 41 25.54 15.93 0.23
CA PRO A 41 24.35 16.17 1.05
C PRO A 41 24.76 16.40 2.51
N GLU A 42 23.76 16.68 3.34
CA GLU A 42 23.92 16.91 4.80
C GLU A 42 23.22 15.76 5.52
N PHE A 43 23.82 15.25 6.60
CA PHE A 43 23.19 14.24 7.50
C PHE A 43 22.68 14.97 8.74
N ARG A 44 21.39 14.78 9.07
CA ARG A 44 20.75 15.33 10.28
C ARG A 44 20.42 14.16 11.20
N LEU A 45 21.23 14.00 12.25
CA LEU A 45 21.11 12.94 13.27
C LEU A 45 20.05 13.37 14.29
N ILE A 46 18.94 12.65 14.36
CA ILE A 46 17.75 13.07 15.16
C ILE A 46 17.96 12.61 16.60
N ASP A 47 17.93 13.55 17.54
CA ASP A 47 17.95 13.28 19.00
C ASP A 47 16.62 12.63 19.39
N ILE A 48 16.62 11.33 19.68
CA ILE A 48 15.39 10.55 20.03
C ILE A 48 15.42 10.19 21.52
N ASP A 49 16.31 10.80 22.31
CA ASP A 49 16.47 10.52 23.76
C ASP A 49 15.14 10.76 24.48
N GLY A 50 14.35 11.72 24.03
CA GLY A 50 13.05 12.10 24.62
C GLY A 50 11.94 11.12 24.27
N LEU A 51 12.13 10.27 23.27
CA LEU A 51 11.11 9.31 22.75
C LEU A 51 11.39 7.88 23.25
N LEU A 52 12.54 7.64 23.89
CA LEU A 52 12.91 6.28 24.37
C LEU A 52 11.84 5.83 25.37
N ASN A 53 11.24 4.64 25.15
CA ASN A 53 10.04 4.18 25.88
C ASN A 53 10.10 2.68 26.18
N ASN A 54 11.26 2.05 25.95
CA ASN A 54 11.39 0.58 25.97
C ASN A 54 12.85 0.23 26.18
N ARG A 55 13.12 -0.84 26.94
CA ARG A 55 14.46 -1.42 27.16
C ARG A 55 14.62 -2.65 26.26
N ALA A 56 15.45 -2.54 25.23
CA ALA A 56 15.82 -3.63 24.28
C ALA A 56 17.24 -4.11 24.56
N THR A 57 17.98 -3.43 25.43
CA THR A 57 19.44 -3.68 25.69
C THR A 57 19.67 -3.75 27.19
N THR A 58 20.47 -4.71 27.65
CA THR A 58 20.84 -4.88 29.07
C THR A 58 22.32 -5.20 29.20
N ASP A 59 22.92 -4.83 30.34
CA ASP A 59 24.26 -5.33 30.73
C ASP A 59 24.04 -6.55 31.63
N VAL A 60 25.13 -7.23 32.01
CA VAL A 60 25.07 -8.53 32.73
C VAL A 60 24.42 -8.35 34.11
N ARG A 61 24.38 -7.12 34.63
CA ARG A 61 23.89 -6.80 36.01
C ARG A 61 22.39 -6.46 36.02
N ASP A 62 21.76 -6.21 34.85
CA ASP A 62 20.30 -5.91 34.80
C ASP A 62 19.63 -6.70 33.66
N LEU A 63 19.91 -8.01 33.59
CA LEU A 63 19.32 -8.95 32.60
C LEU A 63 17.79 -8.96 32.70
N GLY A 64 17.25 -8.75 33.90
CA GLY A 64 15.80 -8.79 34.18
C GLY A 64 15.03 -7.61 33.61
N SER A 65 15.73 -6.59 33.10
CA SER A 65 15.14 -5.33 32.56
C SER A 65 14.87 -5.43 31.06
N GLY A 66 15.27 -6.52 30.41
CA GLY A 66 15.17 -6.72 28.96
C GLY A 66 13.72 -6.86 28.51
N ARG A 67 13.30 -6.06 27.54
CA ARG A 67 11.93 -6.10 26.95
C ARG A 67 12.02 -5.89 25.43
N LEU A 68 13.04 -6.45 24.78
CA LEU A 68 13.14 -6.48 23.30
C LEU A 68 11.96 -7.30 22.75
N ASN A 69 11.50 -8.31 23.49
CA ASN A 69 10.40 -9.22 23.06
C ASN A 69 9.55 -9.60 24.27
N ALA A 70 8.49 -10.38 24.05
CA ALA A 70 7.56 -10.83 25.10
C ALA A 70 8.31 -11.70 26.13
N TRP A 71 9.43 -12.33 25.73
CA TRP A 71 10.19 -13.30 26.55
C TRP A 71 11.22 -12.60 27.45
N GLY A 72 11.39 -11.28 27.31
CA GLY A 72 12.31 -10.49 28.14
C GLY A 72 13.76 -10.67 27.72
N ASN A 73 14.00 -10.99 26.44
CA ASN A 73 15.34 -11.00 25.81
C ASN A 73 15.81 -9.56 25.63
N SER A 74 17.10 -9.37 25.38
CA SER A 74 17.72 -8.05 25.07
C SER A 74 19.03 -8.25 24.32
N PHE A 75 19.45 -7.23 23.57
CA PHE A 75 20.83 -7.09 23.06
C PHE A 75 21.78 -7.01 24.25
N PRO A 76 22.96 -7.65 24.19
CA PRO A 76 24.03 -7.37 25.13
C PRO A 76 24.60 -5.94 24.96
N ALA A 77 24.57 -5.14 26.03
CA ALA A 77 25.13 -3.77 26.07
C ALA A 77 26.59 -3.80 25.60
N ALA A 78 27.34 -4.82 26.01
CA ALA A 78 28.78 -4.98 25.69
C ALA A 78 28.99 -5.15 24.18
N GLU A 79 27.95 -5.52 23.41
CA GLU A 79 28.11 -5.76 21.95
C GLU A 79 27.47 -4.64 21.12
N LEU A 80 27.20 -3.50 21.73
CA LEU A 80 26.68 -2.28 21.05
C LEU A 80 27.53 -1.08 21.43
N PRO A 81 27.46 0.04 20.67
CA PRO A 81 28.21 1.24 21.02
C PRO A 81 27.86 1.82 22.39
N ALA A 82 28.77 2.63 22.93
CA ALA A 82 28.55 3.42 24.17
C ALA A 82 27.44 4.41 23.92
N PRO A 83 26.45 4.53 24.84
CA PRO A 83 25.48 5.62 24.81
C PRO A 83 26.16 6.98 24.54
N GLY A 84 25.58 7.77 23.64
CA GLY A 84 26.02 9.14 23.31
C GLY A 84 27.10 9.17 22.23
N SER A 85 27.65 8.02 21.82
CA SER A 85 28.80 7.94 20.89
C SER A 85 28.31 8.21 19.45
N LEU A 86 29.18 8.78 18.61
CA LEU A 86 28.95 8.96 17.16
C LEU A 86 29.46 7.70 16.46
N ILE A 87 28.62 7.07 15.63
CA ILE A 87 28.99 5.87 14.83
C ILE A 87 28.64 6.14 13.37
N THR A 88 29.24 5.37 12.46
CA THR A 88 28.77 5.22 11.06
C THR A 88 28.42 3.75 10.85
N VAL A 89 27.32 3.49 10.15
CA VAL A 89 26.94 2.14 9.65
C VAL A 89 26.83 2.25 8.13
N ALA A 90 27.69 1.53 7.41
CA ALA A 90 27.82 1.61 5.94
C ALA A 90 27.97 3.09 5.53
N GLY A 91 28.71 3.88 6.33
CA GLY A 91 29.05 5.29 6.03
C GLY A 91 28.01 6.27 6.56
N ILE A 92 26.82 5.80 6.95
CA ILE A 92 25.71 6.68 7.41
C ILE A 92 25.93 6.99 8.88
N PRO A 93 26.08 8.28 9.27
CA PRO A 93 26.29 8.63 10.67
C PRO A 93 25.02 8.49 11.53
N PHE A 94 25.19 8.02 12.76
CA PHE A 94 24.14 7.93 13.79
C PHE A 94 24.71 8.37 15.15
N THR A 95 23.88 8.97 15.98
CA THR A 95 24.18 9.22 17.42
C THR A 95 23.57 8.05 18.21
N TRP A 96 24.36 7.38 19.04
CA TRP A 96 23.86 6.27 19.88
C TRP A 96 23.10 6.87 21.05
N ALA A 97 21.89 6.37 21.33
CA ALA A 97 20.91 6.98 22.27
C ALA A 97 21.54 7.10 23.66
N ASN A 98 21.30 8.23 24.32
CA ASN A 98 21.60 8.42 25.76
C ASN A 98 20.50 7.71 26.55
N ALA A 99 20.65 6.40 26.73
CA ALA A 99 19.66 5.52 27.42
C ALA A 99 19.48 5.98 28.86
N HIS A 100 18.30 5.73 29.42
CA HIS A 100 17.99 5.80 30.87
C HIS A 100 17.44 4.43 31.31
N ALA A 101 17.18 4.25 32.60
CA ALA A 101 16.75 2.97 33.20
C ALA A 101 15.51 2.43 32.48
N ARG A 102 14.64 3.31 31.97
CA ARG A 102 13.30 2.95 31.43
C ARG A 102 13.23 3.13 29.90
N GLY A 103 14.34 3.36 29.22
CA GLY A 103 14.33 3.54 27.74
C GLY A 103 15.72 3.54 27.12
N ASP A 104 15.92 2.71 26.08
CA ASP A 104 17.15 2.73 25.25
C ASP A 104 16.80 2.64 23.75
N ASN A 105 15.52 2.66 23.40
CA ASN A 105 15.06 2.63 21.99
C ASN A 105 13.59 3.07 21.93
N ILE A 106 13.07 3.31 20.73
CA ILE A 106 11.63 3.63 20.50
C ILE A 106 10.94 2.33 20.07
N ARG A 107 10.13 1.76 20.94
CA ARG A 107 9.16 0.71 20.57
C ARG A 107 7.97 1.44 19.92
N CYS A 108 7.65 1.08 18.68
CA CYS A 108 6.93 1.95 17.72
C CYS A 108 5.44 1.97 18.06
N GLU A 109 4.94 3.17 18.35
CA GLU A 109 3.53 3.45 18.74
C GLU A 109 3.03 4.68 17.99
N GLY A 110 3.46 4.85 16.74
CA GLY A 110 3.04 5.98 15.89
C GLY A 110 3.52 7.33 16.42
N GLN A 111 4.71 7.36 17.03
CA GLN A 111 5.30 8.62 17.56
C GLN A 111 5.53 9.58 16.41
N VAL A 112 5.17 10.85 16.60
CA VAL A 112 5.53 11.95 15.66
C VAL A 112 6.91 12.46 16.08
N VAL A 113 7.86 12.46 15.15
CA VAL A 113 9.26 12.93 15.34
C VAL A 113 9.43 14.22 14.54
N ASP A 114 9.61 15.35 15.22
CA ASP A 114 9.97 16.64 14.57
C ASP A 114 11.35 16.49 13.93
N ILE A 115 11.51 16.96 12.70
CA ILE A 115 12.81 17.03 11.99
C ILE A 115 13.04 18.47 11.56
N PRO A 116 14.30 18.93 11.41
CA PRO A 116 14.57 20.26 10.87
C PRO A 116 13.90 20.39 9.50
N PRO A 117 13.09 21.45 9.26
CA PRO A 117 12.45 21.61 7.95
C PRO A 117 13.53 21.58 6.86
N GLY A 118 13.26 20.88 5.77
CA GLY A 118 14.19 20.82 4.63
C GLY A 118 13.74 19.84 3.56
N GLN A 119 14.48 19.81 2.45
CA GLN A 119 14.28 18.86 1.33
C GLN A 119 15.19 17.66 1.57
N TYR A 120 14.61 16.47 1.74
CA TYR A 120 15.31 15.23 2.09
C TYR A 120 15.14 14.21 0.98
N ASP A 121 16.11 13.29 0.85
CA ASP A 121 16.07 12.17 -0.12
C ASP A 121 15.81 10.85 0.62
N TRP A 122 16.42 10.64 1.79
CA TRP A 122 16.42 9.33 2.50
C TRP A 122 16.23 9.50 4.00
N ILE A 123 15.46 8.59 4.60
CA ILE A 123 15.44 8.30 6.06
C ILE A 123 16.28 7.04 6.28
N TYR A 124 17.20 7.08 7.25
CA TYR A 124 17.97 5.89 7.71
C TYR A 124 17.56 5.57 9.14
N LEU A 125 17.26 4.30 9.40
CA LEU A 125 16.92 3.79 10.75
C LEU A 125 17.82 2.61 11.09
N LEU A 126 18.31 2.59 12.33
CA LEU A 126 18.85 1.37 12.97
C LEU A 126 17.70 0.76 13.76
N ALA A 127 17.30 -0.46 13.42
CA ALA A 127 16.01 -1.04 13.84
C ALA A 127 16.06 -2.56 13.87
N ALA A 128 15.18 -3.15 14.67
CA ALA A 128 14.91 -4.59 14.72
C ALA A 128 13.44 -4.80 15.03
N SER A 129 12.90 -5.96 14.65
CA SER A 129 11.47 -6.32 14.81
C SER A 129 11.35 -7.68 15.49
N GLU A 130 10.32 -7.85 16.31
CA GLU A 130 10.00 -9.11 17.01
C GLU A 130 9.31 -10.04 15.99
N ARG A 131 10.12 -10.81 15.26
CA ARG A 131 9.83 -11.38 13.91
C ARG A 131 9.81 -10.24 12.89
N ARG A 132 10.25 -10.52 11.67
CA ARG A 132 10.27 -9.53 10.56
C ARG A 132 8.86 -9.02 10.32
N SER A 133 8.72 -7.72 10.02
CA SER A 133 7.42 -7.09 9.73
C SER A 133 7.62 -5.87 8.85
N GLU A 134 6.53 -5.35 8.27
CA GLU A 134 6.57 -4.16 7.40
C GLU A 134 5.42 -3.25 7.79
N ASP A 135 5.63 -1.95 7.68
CA ASP A 135 4.64 -0.95 8.11
C ASP A 135 4.93 0.34 7.35
N THR A 136 4.57 1.48 7.94
CA THR A 136 4.58 2.80 7.27
C THR A 136 5.31 3.81 8.16
N ILE A 137 6.28 4.52 7.59
CA ILE A 137 6.76 5.82 8.14
C ILE A 137 6.08 6.91 7.31
N TRP A 138 5.32 7.77 7.97
CA TRP A 138 4.69 8.96 7.32
C TRP A 138 5.70 10.10 7.31
N ALA A 139 5.84 10.77 6.16
CA ALA A 139 6.56 12.06 6.02
C ALA A 139 5.53 13.17 5.87
N HIS A 140 5.58 14.18 6.75
CA HIS A 140 4.65 15.34 6.77
C HIS A 140 5.34 16.56 6.16
N TYR A 141 4.70 17.19 5.17
CA TYR A 141 5.24 18.34 4.40
C TYR A 141 4.52 19.62 4.82
N ASP A 142 5.19 20.76 4.62
N ASP A 142 5.15 20.78 4.62
CA ASP A 142 4.76 22.12 5.03
CA ASP A 142 4.68 22.08 5.15
C ASP A 142 3.40 22.46 4.42
C ASP A 142 3.46 22.59 4.35
N ASP A 143 3.13 21.96 3.20
CA ASP A 143 1.92 22.31 2.41
C ASP A 143 0.73 21.46 2.85
N GLY A 144 0.91 20.53 3.79
CA GLY A 144 -0.17 19.71 4.36
C GLY A 144 -0.25 18.33 3.73
N HIS A 145 0.53 18.06 2.68
CA HIS A 145 0.69 16.69 2.12
C HIS A 145 1.41 15.81 3.14
N ALA A 146 1.03 14.54 3.20
CA ALA A 146 1.76 13.49 3.93
C ALA A 146 1.90 12.29 3.00
N ASP A 147 3.09 11.68 2.98
CA ASP A 147 3.38 10.48 2.15
C ASP A 147 3.59 9.28 3.07
N PRO A 148 2.85 8.17 2.83
CA PRO A 148 3.11 6.92 3.54
C PRO A 148 4.29 6.22 2.85
N LEU A 149 5.39 6.04 3.58
CA LEU A 149 6.64 5.42 3.05
C LEU A 149 6.76 4.02 3.63
N ARG A 150 6.76 3.01 2.76
CA ARG A 150 6.88 1.58 3.16
CA ARG A 150 6.90 1.57 3.13
C ARG A 150 8.22 1.39 3.86
N VAL A 151 8.21 0.72 5.02
CA VAL A 151 9.44 0.36 5.77
C VAL A 151 9.31 -1.09 6.23
N GLY A 152 10.31 -1.91 5.90
CA GLY A 152 10.46 -3.28 6.39
C GLY A 152 11.58 -3.35 7.40
N ILE A 153 11.37 -4.06 8.51
CA ILE A 153 12.39 -4.25 9.57
C ILE A 153 12.48 -5.76 9.87
N SER A 154 13.67 -6.32 9.76
CA SER A 154 13.91 -7.78 9.90
C SER A 154 14.11 -8.14 11.38
N ASP A 155 14.15 -9.44 11.65
CA ASP A 155 14.08 -10.05 13.00
C ASP A 155 15.33 -9.65 13.81
N PHE A 156 15.17 -9.42 15.12
CA PHE A 156 16.29 -9.30 16.08
C PHE A 156 16.88 -10.68 16.36
N LEU A 157 16.08 -11.74 16.21
CA LEU A 157 16.44 -13.12 16.61
C LEU A 157 17.20 -13.78 15.46
N ASP A 158 18.53 -13.66 15.46
CA ASP A 158 19.44 -14.20 14.42
C ASP A 158 18.74 -14.09 13.05
N GLY A 159 18.36 -12.87 12.67
CA GLY A 159 17.47 -12.61 11.52
C GLY A 159 18.18 -12.75 10.19
N THR A 160 17.41 -13.09 9.16
CA THR A 160 17.79 -12.97 7.72
C THR A 160 17.15 -11.71 7.18
N PRO A 161 17.90 -10.81 6.51
CA PRO A 161 17.32 -9.58 5.97
C PRO A 161 16.29 -9.96 4.90
N ALA A 162 15.05 -9.47 5.04
CA ALA A 162 13.93 -9.77 4.13
C ALA A 162 13.64 -8.58 3.20
N PHE A 163 14.19 -7.41 3.52
CA PHE A 163 13.84 -6.12 2.83
C PHE A 163 15.09 -5.49 2.20
N GLY A 164 16.16 -6.27 2.03
CA GLY A 164 17.45 -5.82 1.49
C GLY A 164 18.09 -4.76 2.36
N GLU A 165 17.96 -4.91 3.68
CA GLU A 165 18.65 -4.06 4.68
C GLU A 165 20.13 -4.44 4.67
N LEU A 166 20.95 -3.59 5.29
CA LEU A 166 22.36 -3.91 5.63
C LEU A 166 22.41 -4.28 7.11
N SER A 167 23.34 -5.16 7.50
CA SER A 167 23.59 -5.50 8.92
C SER A 167 24.21 -4.28 9.61
N ALA A 168 23.58 -3.79 10.68
CA ALA A 168 24.10 -2.71 11.55
C ALA A 168 24.96 -3.35 12.65
N PHE A 169 24.35 -4.28 13.40
CA PHE A 169 25.03 -5.09 14.43
C PHE A 169 24.52 -6.53 14.33
N ARG A 170 25.44 -7.49 14.38
CA ARG A 170 25.15 -8.93 14.57
C ARG A 170 25.98 -9.41 15.76
N THR A 171 25.36 -9.48 16.93
CA THR A 171 26.05 -9.84 18.20
C THR A 171 26.40 -11.32 18.16
N SER A 172 27.28 -11.76 19.06
CA SER A 172 27.64 -13.18 19.26
C SER A 172 26.68 -13.81 20.26
N ARG A 173 26.17 -13.00 21.20
CA ARG A 173 25.37 -13.50 22.35
C ARG A 173 24.03 -12.78 22.41
N MET A 174 23.11 -13.32 23.21
CA MET A 174 21.78 -12.72 23.49
C MET A 174 21.54 -12.79 25.00
N HIS A 175 20.94 -11.74 25.56
CA HIS A 175 20.57 -11.67 26.99
C HIS A 175 19.18 -12.28 27.17
N TYR A 176 19.05 -13.13 28.19
CA TYR A 176 17.78 -13.72 28.70
C TYR A 176 17.56 -13.15 30.10
N PRO A 177 16.33 -13.24 30.65
CA PRO A 177 16.05 -12.70 31.99
C PRO A 177 17.05 -13.13 33.09
N HIS A 178 17.59 -14.35 33.02
CA HIS A 178 18.40 -14.95 34.11
C HIS A 178 19.81 -15.34 33.65
N HIS A 179 20.18 -15.17 32.37
CA HIS A 179 21.50 -15.63 31.88
C HIS A 179 21.90 -14.93 30.58
N VAL A 180 23.22 -14.91 30.31
CA VAL A 180 23.82 -14.52 29.01
C VAL A 180 23.90 -15.78 28.15
N GLN A 181 23.22 -15.80 27.00
CA GLN A 181 23.21 -16.97 26.08
C GLN A 181 24.37 -16.84 25.09
N GLU A 182 25.33 -17.77 25.14
CA GLU A 182 26.47 -17.83 24.20
C GLU A 182 25.96 -18.33 22.84
N GLY A 183 26.58 -17.87 21.75
CA GLY A 183 26.41 -18.43 20.40
C GLY A 183 24.98 -18.31 19.90
N LEU A 184 24.35 -17.16 20.15
CA LEU A 184 22.98 -16.83 19.65
C LEU A 184 22.97 -15.36 19.22
N PRO A 185 23.17 -15.05 17.93
CA PRO A 185 23.21 -13.66 17.46
C PRO A 185 21.90 -12.88 17.67
N THR A 186 22.04 -11.64 18.16
CA THR A 186 20.99 -10.60 18.17
C THR A 186 21.31 -9.64 17.02
N THR A 187 20.36 -9.43 16.12
CA THR A 187 20.60 -8.72 14.84
C THR A 187 19.86 -7.39 14.84
N MET A 188 20.58 -6.32 14.50
CA MET A 188 20.02 -4.97 14.26
C MET A 188 20.34 -4.58 12.81
N TRP A 189 19.41 -3.86 12.17
CA TRP A 189 19.44 -3.62 10.70
C TRP A 189 19.54 -2.13 10.41
N LEU A 190 20.26 -1.79 9.34
CA LEU A 190 20.23 -0.46 8.70
C LEU A 190 19.23 -0.54 7.54
N THR A 191 18.12 0.19 7.66
CA THR A 191 17.08 0.29 6.60
C THR A 191 17.04 1.72 6.09
N ARG A 192 16.87 1.90 4.78
CA ARG A 192 16.70 3.23 4.16
C ARG A 192 15.29 3.32 3.57
N VAL A 193 14.71 4.50 3.63
CA VAL A 193 13.34 4.80 3.13
C VAL A 193 13.42 6.08 2.30
N GLY A 194 13.12 5.98 1.00
CA GLY A 194 13.12 7.11 0.06
C GLY A 194 12.04 8.12 0.39
N MET A 195 12.33 9.40 0.15
CA MET A 195 11.36 10.52 0.32
C MET A 195 11.25 11.22 -1.03
N PRO A 196 10.46 10.65 -1.98
CA PRO A 196 10.45 11.12 -3.37
C PRO A 196 9.91 12.55 -3.58
N ARG A 197 9.00 13.01 -2.72
CA ARG A 197 8.32 14.33 -2.88
C ARG A 197 9.35 15.46 -2.84
N HIS A 198 9.43 16.28 -3.89
CA HIS A 198 10.20 17.56 -3.85
C HIS A 198 9.37 18.58 -3.06
N GLY A 199 9.66 18.68 -1.76
CA GLY A 199 8.99 19.61 -0.83
C GLY A 199 9.69 19.64 0.51
N VAL A 200 9.29 20.55 1.39
CA VAL A 200 9.89 20.74 2.74
C VAL A 200 9.15 19.83 3.72
N ALA A 201 9.85 18.81 4.22
CA ALA A 201 9.35 17.87 5.27
C ALA A 201 9.62 18.49 6.64
N ARG A 202 8.66 18.39 7.56
CA ARG A 202 8.70 19.04 8.90
C ARG A 202 8.69 18.00 10.02
N SER A 203 8.15 16.80 9.77
CA SER A 203 8.05 15.72 10.79
C SER A 203 7.83 14.36 10.12
N LEU A 204 8.04 13.29 10.90
CA LEU A 204 7.79 11.89 10.50
C LEU A 204 6.82 11.29 11.52
N ARG A 205 6.07 10.26 11.13
CA ARG A 205 5.42 9.34 12.09
C ARG A 205 6.08 7.97 11.96
N LEU A 206 6.55 7.43 13.08
CA LEU A 206 7.11 6.07 13.15
C LEU A 206 5.95 5.07 13.03
N PRO A 207 6.24 3.80 12.67
CA PRO A 207 5.20 2.78 12.57
C PRO A 207 4.36 2.65 13.84
N ARG A 208 3.12 2.18 13.69
CA ARG A 208 2.23 1.76 14.79
C ARG A 208 2.37 0.25 14.95
N SER A 209 3.46 -0.24 15.53
CA SER A 209 3.66 -1.69 15.80
C SER A 209 4.59 -1.93 16.98
N VAL A 210 4.08 -2.59 18.01
CA VAL A 210 4.84 -2.98 19.24
C VAL A 210 6.01 -3.90 18.85
N ALA A 211 5.93 -4.59 17.70
CA ALA A 211 6.99 -5.51 17.23
C ALA A 211 8.26 -4.72 16.85
N MET A 212 8.13 -3.45 16.45
CA MET A 212 9.22 -2.69 15.80
C MET A 212 9.95 -1.80 16.81
N HIS A 213 11.28 -1.81 16.74
CA HIS A 213 12.20 -1.06 17.64
C HIS A 213 13.12 -0.17 16.80
N VAL A 214 13.20 1.12 17.11
CA VAL A 214 14.11 2.08 16.42
C VAL A 214 15.17 2.54 17.44
N PHE A 215 16.44 2.31 17.12
CA PHE A 215 17.60 2.63 18.00
C PHE A 215 18.24 3.97 17.61
N ALA A 216 18.12 4.35 16.34
CA ALA A 216 18.69 5.60 15.81
C ALA A 216 17.99 5.98 14.51
N LEU A 217 17.93 7.29 14.25
CA LEU A 217 17.24 7.92 13.10
C LEU A 217 18.15 9.02 12.55
N THR A 218 18.48 8.95 11.27
CA THR A 218 19.28 9.95 10.54
C THR A 218 18.61 10.26 9.21
N LEU A 219 18.48 11.55 8.90
CA LEU A 219 17.92 12.07 7.63
C LEU A 219 19.10 12.50 6.74
N ARG A 220 18.95 12.33 5.42
CA ARG A 220 19.93 12.75 4.41
C ARG A 220 19.25 13.77 3.50
N THR A 221 19.78 14.99 3.44
CA THR A 221 19.19 16.10 2.64
C THR A 221 19.30 15.76 1.16
N ALA A 222 18.44 16.37 0.34
CA ALA A 222 18.53 16.35 -1.14
C ALA A 222 19.85 17.02 -1.53
N ALA A 223 20.46 16.55 -2.62
CA ALA A 223 21.67 17.14 -3.24
C ALA A 223 21.51 17.14 -4.75
N ALA A 224 21.76 18.29 -5.39
CA ALA A 224 21.65 18.49 -6.84
C ALA A 224 22.49 17.42 -7.55
N VAL A 225 21.87 16.68 -8.47
CA VAL A 225 22.55 15.70 -9.37
C VAL A 225 22.50 16.26 -10.79
N ARG A 226 23.52 15.96 -11.59
CA ARG A 226 23.68 16.48 -12.98
C ARG A 226 24.62 15.56 -13.76
N LEU A 227 24.77 15.80 -15.06
CA LEU A 227 25.77 15.10 -15.92
C LEU A 227 27.17 15.54 -15.49
N ALA A 228 28.14 14.61 -15.51
CA ALA A 228 29.57 14.90 -15.29
C ALA A 228 30.08 15.78 -16.44
N GLU A 229 30.83 16.84 -16.13
CA GLU A 229 31.33 17.84 -17.13
C GLU A 229 32.61 17.29 -17.78
N LEU B 32 22.12 17.11 15.70
CA LEU B 32 23.51 17.22 15.16
C LEU B 32 23.46 17.17 13.63
N THR B 33 24.16 18.11 12.97
CA THR B 33 24.28 18.22 11.50
C THR B 33 25.73 17.88 11.10
N LEU B 34 25.91 16.95 10.16
CA LEU B 34 27.25 16.48 9.71
C LEU B 34 27.28 16.45 8.19
N PRO B 35 28.41 16.86 7.57
CA PRO B 35 28.53 16.86 6.12
C PRO B 35 28.66 15.44 5.56
N GLY B 36 27.96 15.18 4.45
CA GLY B 36 28.13 13.96 3.64
C GLY B 36 29.14 14.19 2.53
N THR B 37 29.40 13.18 1.70
CA THR B 37 30.38 13.22 0.60
C THR B 37 29.66 13.46 -0.73
N ALA B 38 30.32 14.19 -1.64
CA ALA B 38 29.98 14.22 -3.08
C ALA B 38 30.08 12.80 -3.64
N SER B 39 29.28 12.47 -4.64
CA SER B 39 29.20 11.12 -5.25
C SER B 39 29.10 11.24 -6.78
N ALA B 40 29.31 10.12 -7.48
CA ALA B 40 29.37 10.04 -8.95
C ALA B 40 28.44 8.92 -9.41
N PRO B 41 27.11 9.04 -9.19
CA PRO B 41 26.17 8.04 -9.69
C PRO B 41 26.16 8.04 -11.22
N GLU B 42 25.72 6.94 -11.80
CA GLU B 42 25.62 6.72 -13.26
C GLU B 42 24.14 6.74 -13.65
N PHE B 43 23.83 7.38 -14.78
CA PHE B 43 22.48 7.38 -15.41
C PHE B 43 22.45 6.32 -16.51
N ARG B 44 21.43 5.46 -16.49
CA ARG B 44 21.19 4.41 -17.51
C ARG B 44 19.86 4.74 -18.20
N LEU B 45 19.95 5.20 -19.44
CA LEU B 45 18.80 5.69 -20.24
C LEU B 45 18.17 4.49 -20.94
N ILE B 46 16.98 4.08 -20.51
CA ILE B 46 16.37 2.79 -20.94
C ILE B 46 15.73 2.98 -22.32
N ASP B 47 16.11 2.12 -23.27
CA ASP B 47 15.53 2.12 -24.64
C ASP B 47 14.13 1.50 -24.54
N ILE B 48 13.09 2.33 -24.67
CA ILE B 48 11.66 1.90 -24.55
C ILE B 48 11.01 1.89 -25.94
N ASP B 49 11.79 2.00 -27.02
CA ASP B 49 11.27 2.10 -28.41
C ASP B 49 10.43 0.86 -28.74
N GLY B 50 10.80 -0.32 -28.22
CA GLY B 50 10.10 -1.59 -28.48
C GLY B 50 8.78 -1.70 -27.74
N LEU B 51 8.52 -0.82 -26.76
CA LEU B 51 7.33 -0.89 -25.87
C LEU B 51 6.32 0.23 -26.21
N LEU B 52 6.63 1.11 -27.17
CA LEU B 52 5.72 2.23 -27.54
C LEU B 52 4.45 1.61 -28.14
N ASN B 53 3.29 1.91 -27.54
CA ASN B 53 2.00 1.21 -27.83
C ASN B 53 0.85 2.22 -27.98
N ASN B 54 1.15 3.52 -28.00
CA ASN B 54 0.12 4.58 -27.88
C ASN B 54 0.66 5.88 -28.48
N ARG B 55 -0.21 6.67 -29.10
CA ARG B 55 0.11 8.02 -29.62
C ARG B 55 -0.43 9.07 -28.63
N ALA B 56 0.46 9.75 -27.93
CA ALA B 56 0.15 10.86 -27.00
C ALA B 56 0.56 12.21 -27.61
N THR B 57 1.24 12.19 -28.77
CA THR B 57 1.84 13.39 -29.41
C THR B 57 1.50 13.37 -30.90
N THR B 58 1.12 14.52 -31.46
CA THR B 58 0.78 14.65 -32.90
C THR B 58 1.35 15.95 -33.47
N ASP B 59 1.57 15.94 -34.79
CA ASP B 59 1.81 17.20 -35.55
CA ASP B 59 1.81 17.13 -35.64
C ASP B 59 0.45 17.68 -36.06
N VAL B 60 0.42 18.82 -36.73
CA VAL B 60 -0.86 19.43 -37.21
C VAL B 60 -1.45 18.55 -38.32
N ARG B 61 -0.62 17.78 -39.03
CA ARG B 61 -1.05 16.91 -40.17
C ARG B 61 -1.79 15.66 -39.68
N ASP B 62 -1.54 15.21 -38.45
CA ASP B 62 -2.11 13.93 -37.93
C ASP B 62 -2.74 14.15 -36.56
N LEU B 63 -3.42 15.28 -36.37
CA LEU B 63 -4.18 15.61 -35.13
C LEU B 63 -5.10 14.44 -34.74
N GLY B 64 -5.75 13.82 -35.74
CA GLY B 64 -6.76 12.75 -35.56
C GLY B 64 -6.16 11.47 -34.99
N SER B 65 -4.83 11.34 -34.95
CA SER B 65 -4.10 10.17 -34.41
C SER B 65 -3.90 10.29 -32.89
N GLY B 66 -4.19 11.45 -32.31
CA GLY B 66 -3.98 11.73 -30.87
C GLY B 66 -4.77 10.79 -30.00
N ARG B 67 -4.12 10.17 -29.00
CA ARG B 67 -4.77 9.22 -28.05
C ARG B 67 -4.12 9.35 -26.67
N LEU B 68 -3.75 10.58 -26.28
CA LEU B 68 -3.29 10.90 -24.90
C LEU B 68 -4.44 10.63 -23.92
N ASN B 69 -5.68 10.81 -24.37
CA ASN B 69 -6.90 10.64 -23.53
C ASN B 69 -8.05 10.10 -24.41
N ALA B 70 -9.20 9.86 -23.78
CA ALA B 70 -10.42 9.32 -24.43
C ALA B 70 -10.92 10.30 -25.50
N TRP B 71 -10.60 11.59 -25.38
CA TRP B 71 -11.12 12.68 -26.26
C TRP B 71 -10.24 12.85 -27.51
N GLY B 72 -9.14 12.10 -27.63
CA GLY B 72 -8.24 12.20 -28.79
C GLY B 72 -7.38 13.44 -28.73
N ASN B 73 -7.16 14.01 -27.54
CA ASN B 73 -6.15 15.08 -27.32
C ASN B 73 -4.75 14.48 -27.48
N SER B 74 -3.76 15.35 -27.60
CA SER B 74 -2.32 14.98 -27.66
C SER B 74 -1.45 16.20 -27.36
N PHE B 75 -0.19 15.95 -27.00
CA PHE B 75 0.88 16.95 -26.91
C PHE B 75 1.16 17.48 -28.31
N PRO B 76 1.50 18.78 -28.47
CA PRO B 76 2.00 19.29 -29.73
C PRO B 76 3.47 18.89 -29.96
N ALA B 77 3.75 18.15 -31.02
CA ALA B 77 5.12 17.66 -31.35
C ALA B 77 6.08 18.87 -31.47
N ALA B 78 5.58 20.03 -31.93
CA ALA B 78 6.41 21.22 -32.21
C ALA B 78 6.93 21.86 -30.92
N GLU B 79 6.45 21.44 -29.74
CA GLU B 79 6.91 21.98 -28.43
C GLU B 79 7.60 20.87 -27.60
N LEU B 80 7.90 19.73 -28.22
CA LEU B 80 8.59 18.60 -27.55
C LEU B 80 9.90 18.31 -28.28
N PRO B 81 10.86 17.60 -27.62
CA PRO B 81 12.14 17.27 -28.24
C PRO B 81 12.02 16.41 -29.50
N ALA B 82 13.10 16.36 -30.29
CA ALA B 82 13.22 15.53 -31.50
C ALA B 82 13.34 14.06 -31.09
N PRO B 83 12.60 13.13 -31.70
CA PRO B 83 12.80 11.70 -31.49
C PRO B 83 14.29 11.30 -31.59
N GLY B 84 14.78 10.51 -30.64
CA GLY B 84 16.16 10.00 -30.60
C GLY B 84 17.13 10.95 -29.91
N SER B 85 16.71 12.18 -29.61
CA SER B 85 17.58 13.26 -29.06
C SER B 85 17.87 13.01 -27.57
N LEU B 86 19.06 13.41 -27.13
CA LEU B 86 19.44 13.46 -25.69
C LEU B 86 18.97 14.80 -25.11
N ILE B 87 18.23 14.75 -24.00
CA ILE B 87 17.76 15.96 -23.27
C ILE B 87 18.17 15.80 -21.80
N THR B 88 18.13 16.90 -21.05
CA THR B 88 18.14 16.88 -19.57
C THR B 88 16.90 17.62 -19.06
N VAL B 89 16.32 17.10 -17.98
CA VAL B 89 15.22 17.73 -17.22
C VAL B 89 15.68 17.78 -15.77
N ALA B 90 15.83 18.98 -15.20
CA ALA B 90 16.33 19.22 -13.82
C ALA B 90 17.66 18.47 -13.63
N GLY B 91 18.51 18.46 -14.66
CA GLY B 91 19.85 17.84 -14.62
C GLY B 91 19.83 16.36 -14.95
N ILE B 92 18.65 15.73 -15.02
CA ILE B 92 18.50 14.27 -15.26
C ILE B 92 18.48 14.04 -16.77
N PRO B 93 19.39 13.19 -17.32
CA PRO B 93 19.39 12.89 -18.75
C PRO B 93 18.30 11.88 -19.15
N PHE B 94 17.69 12.09 -20.32
CA PHE B 94 16.71 11.19 -20.96
C PHE B 94 16.97 11.13 -22.46
N THR B 95 16.72 9.97 -23.07
CA THR B 95 16.65 9.80 -24.54
C THR B 95 15.18 9.95 -24.96
N TRP B 96 14.90 10.83 -25.92
CA TRP B 96 13.53 11.01 -26.44
C TRP B 96 13.19 9.83 -27.36
N ALA B 97 12.02 9.24 -27.19
CA ALA B 97 11.58 7.99 -27.87
C ALA B 97 11.70 8.14 -29.39
N ASN B 98 12.17 7.10 -30.08
CA ASN B 98 12.13 7.00 -31.55
C ASN B 98 10.72 6.54 -31.94
N ALA B 99 9.78 7.49 -32.01
CA ALA B 99 8.35 7.25 -32.29
C ALA B 99 8.17 6.64 -33.68
N HIS B 100 7.12 5.84 -33.84
CA HIS B 100 6.56 5.40 -35.15
C HIS B 100 5.10 5.86 -35.20
N ALA B 101 4.41 5.58 -36.31
CA ALA B 101 3.02 6.04 -36.57
C ALA B 101 2.07 5.53 -35.47
N ARG B 102 2.38 4.40 -34.83
CA ARG B 102 1.47 3.67 -33.90
C ARG B 102 1.93 3.80 -32.44
N GLY B 103 3.06 4.45 -32.15
CA GLY B 103 3.55 4.60 -30.77
C GLY B 103 4.60 5.68 -30.59
N ASP B 104 4.42 6.55 -29.59
CA ASP B 104 5.42 7.56 -29.16
C ASP B 104 5.58 7.57 -27.64
N ASN B 105 4.90 6.68 -26.92
CA ASN B 105 5.02 6.56 -25.44
C ASN B 105 4.50 5.20 -25.01
N ILE B 106 4.78 4.82 -23.77
CA ILE B 106 4.20 3.59 -23.15
C ILE B 106 2.95 4.00 -22.39
N ARG B 107 1.77 3.62 -22.91
CA ARG B 107 0.52 3.66 -22.12
C ARG B 107 0.53 2.40 -21.24
N CYS B 108 0.45 2.59 -19.93
CA CYS B 108 0.86 1.59 -18.92
C CYS B 108 -0.14 0.43 -18.87
N GLU B 109 0.36 -0.80 -19.11
CA GLU B 109 -0.41 -2.05 -19.14
C GLU B 109 0.39 -3.17 -18.45
N GLY B 110 1.12 -2.83 -17.39
CA GLY B 110 1.92 -3.80 -16.61
C GLY B 110 3.07 -4.36 -17.42
N GLN B 111 3.63 -3.58 -18.34
CA GLN B 111 4.80 -4.00 -19.17
C GLN B 111 5.97 -4.26 -18.25
N VAL B 112 6.65 -5.39 -18.44
CA VAL B 112 7.95 -5.70 -17.78
C VAL B 112 9.06 -5.08 -18.62
N VAL B 113 9.82 -4.15 -18.04
CA VAL B 113 10.94 -3.43 -18.70
C VAL B 113 12.25 -4.01 -18.17
N ASP B 114 13.01 -4.71 -19.00
CA ASP B 114 14.35 -5.22 -18.64
C ASP B 114 15.27 -4.01 -18.44
N ILE B 115 16.04 -3.99 -17.35
CA ILE B 115 17.05 -2.94 -17.04
C ILE B 115 18.40 -3.62 -16.88
N PRO B 116 19.53 -2.92 -17.15
CA PRO B 116 20.85 -3.52 -16.92
C PRO B 116 20.95 -3.93 -15.45
N PRO B 117 21.41 -5.16 -15.13
CA PRO B 117 21.61 -5.56 -13.73
C PRO B 117 22.47 -4.52 -12.98
N GLY B 118 22.07 -4.15 -11.77
CA GLY B 118 22.85 -3.23 -10.92
C GLY B 118 22.15 -2.90 -9.62
N GLN B 119 22.86 -2.20 -8.73
CA GLN B 119 22.34 -1.56 -7.51
C GLN B 119 21.96 -0.12 -7.85
N TYR B 120 20.69 0.23 -7.65
CA TYR B 120 20.11 1.53 -8.05
C TYR B 120 19.60 2.27 -6.80
N ASP B 121 19.48 3.60 -6.93
CA ASP B 121 18.86 4.50 -5.91
C ASP B 121 17.48 4.94 -6.40
N TRP B 122 17.37 5.41 -7.64
CA TRP B 122 16.16 6.12 -8.15
C TRP B 122 15.78 5.64 -9.55
N ILE B 123 14.47 5.53 -9.80
CA ILE B 123 13.85 5.50 -11.15
C ILE B 123 13.37 6.93 -11.43
N TYR B 124 13.70 7.47 -12.60
CA TYR B 124 13.19 8.77 -13.10
C TYR B 124 12.33 8.50 -14.33
N LEU B 125 11.09 8.99 -14.31
CA LEU B 125 10.14 8.88 -15.46
C LEU B 125 9.73 10.28 -15.90
N LEU B 126 9.68 10.50 -17.22
CA LEU B 126 8.90 11.59 -17.82
C LEU B 126 7.53 11.02 -18.15
N ALA B 127 6.48 11.56 -17.53
CA ALA B 127 5.16 10.91 -17.49
C ALA B 127 4.03 11.93 -17.33
N ALA B 128 2.83 11.52 -17.70
CA ALA B 128 1.57 12.27 -17.52
C ALA B 128 0.44 11.26 -17.38
N SER B 129 -0.64 11.65 -16.70
CA SER B 129 -1.81 10.79 -16.40
C SER B 129 -3.08 11.51 -16.85
N GLU B 130 -4.04 10.72 -17.35
CA GLU B 130 -5.40 11.20 -17.73
C GLU B 130 -6.19 11.42 -16.44
N ARG B 131 -6.10 12.63 -15.88
CA ARG B 131 -6.30 12.98 -14.44
C ARG B 131 -5.16 12.37 -13.62
N ARG B 132 -4.75 13.06 -12.56
CA ARG B 132 -3.69 12.58 -11.64
C ARG B 132 -4.11 11.20 -11.09
N SER B 133 -3.14 10.31 -10.91
CA SER B 133 -3.38 8.96 -10.34
C SER B 133 -2.09 8.46 -9.68
N GLU B 134 -2.20 7.39 -8.90
CA GLU B 134 -1.02 6.76 -8.25
C GLU B 134 -1.17 5.25 -8.37
N ASP B 135 -0.04 4.56 -8.49
CA ASP B 135 -0.04 3.11 -8.73
C ASP B 135 1.30 2.55 -8.26
N THR B 136 1.70 1.42 -8.82
CA THR B 136 2.87 0.63 -8.38
C THR B 136 3.79 0.37 -9.57
N ILE B 137 5.08 0.66 -9.38
CA ILE B 137 6.18 0.09 -10.20
C ILE B 137 6.79 -1.03 -9.37
N TRP B 138 6.77 -2.26 -9.87
CA TRP B 138 7.45 -3.41 -9.24
C TRP B 138 8.92 -3.41 -9.67
N ALA B 139 9.84 -3.52 -8.71
CA ALA B 139 11.27 -3.76 -8.98
C ALA B 139 11.57 -5.23 -8.70
N HIS B 140 12.04 -5.96 -9.71
CA HIS B 140 12.37 -7.41 -9.64
C HIS B 140 13.86 -7.57 -9.40
N TYR B 141 14.25 -8.33 -8.37
CA TYR B 141 15.66 -8.53 -7.96
C TYR B 141 16.08 -9.97 -8.26
N ASP B 142 17.38 -10.20 -8.39
CA ASP B 142 17.93 -11.47 -8.94
C ASP B 142 17.70 -12.62 -7.94
N ASP B 143 17.40 -12.31 -6.66
CA ASP B 143 17.13 -13.33 -5.61
C ASP B 143 15.65 -13.72 -5.58
N GLY B 144 14.82 -13.14 -6.45
CA GLY B 144 13.39 -13.49 -6.57
C GLY B 144 12.50 -12.56 -5.75
N HIS B 145 13.08 -11.63 -4.98
CA HIS B 145 12.30 -10.57 -4.29
C HIS B 145 11.78 -9.59 -5.35
N ALA B 146 10.53 -9.15 -5.19
CA ALA B 146 9.91 -8.06 -5.97
C ALA B 146 9.39 -7.04 -4.97
N ASP B 147 9.75 -5.77 -5.13
CA ASP B 147 9.32 -4.67 -4.24
C ASP B 147 8.30 -3.81 -4.97
N PRO B 148 7.09 -3.63 -4.40
CA PRO B 148 6.12 -2.67 -4.95
C PRO B 148 6.52 -1.25 -4.54
N LEU B 149 6.78 -0.40 -5.53
CA LEU B 149 7.25 1.01 -5.33
C LEU B 149 6.12 1.95 -5.74
N ARG B 150 5.70 2.82 -4.81
CA ARG B 150 4.62 3.82 -5.02
C ARG B 150 5.08 4.82 -6.07
N VAL B 151 4.26 5.08 -7.09
CA VAL B 151 4.51 6.15 -8.09
C VAL B 151 3.22 6.96 -8.26
N GLY B 152 3.34 8.28 -8.21
CA GLY B 152 2.26 9.23 -8.53
C GLY B 152 2.59 9.98 -9.81
N ILE B 153 1.61 10.15 -10.69
CA ILE B 153 1.78 10.89 -11.97
C ILE B 153 0.63 11.90 -12.08
N SER B 154 0.97 13.17 -12.27
CA SER B 154 -0.01 14.29 -12.29
C SER B 154 -0.59 14.46 -13.70
N ASP B 155 -1.60 15.32 -13.82
CA ASP B 155 -2.48 15.46 -15.00
C ASP B 155 -1.68 16.02 -16.18
N PHE B 156 -2.00 15.58 -17.40
CA PHE B 156 -1.51 16.18 -18.67
C PHE B 156 -2.27 17.49 -18.94
N LEU B 157 -3.48 17.64 -18.41
CA LEU B 157 -4.39 18.76 -18.73
C LEU B 157 -4.07 19.93 -17.78
N ASP B 158 -3.14 20.79 -18.18
CA ASP B 158 -2.69 21.97 -17.39
C ASP B 158 -2.66 21.58 -15.91
N GLY B 159 -1.88 20.55 -15.60
CA GLY B 159 -1.93 19.86 -14.29
C GLY B 159 -1.24 20.65 -13.19
N THR B 160 -1.67 20.43 -11.95
CA THR B 160 -0.97 20.84 -10.70
C THR B 160 -0.24 19.61 -10.17
N PRO B 161 1.08 19.68 -9.88
CA PRO B 161 1.78 18.53 -9.32
C PRO B 161 1.13 18.16 -7.97
N ALA B 162 0.74 16.90 -7.81
CA ALA B 162 0.09 16.38 -6.58
C ALA B 162 1.08 15.56 -5.75
N PHE B 163 2.25 15.20 -6.30
CA PHE B 163 3.21 14.26 -5.67
C PHE B 163 4.59 14.90 -5.50
N GLY B 164 4.68 16.22 -5.62
CA GLY B 164 5.95 16.97 -5.54
C GLY B 164 6.89 16.61 -6.68
N GLU B 165 6.33 16.32 -7.86
CA GLU B 165 7.11 16.11 -9.10
C GLU B 165 7.66 17.47 -9.54
N LEU B 166 8.63 17.43 -10.45
CA LEU B 166 9.15 18.63 -11.16
C LEU B 166 8.48 18.70 -12.54
N SER B 167 8.30 19.90 -13.06
CA SER B 167 7.80 20.14 -14.44
C SER B 167 8.87 19.68 -15.44
N ALA B 168 8.48 18.80 -16.38
CA ALA B 168 9.34 18.36 -17.51
C ALA B 168 9.06 19.27 -18.70
N PHE B 169 7.81 19.31 -19.14
CA PHE B 169 7.33 20.19 -20.24
C PHE B 169 5.98 20.77 -19.85
N ARG B 170 5.82 22.07 -20.11
CA ARG B 170 4.53 22.79 -20.01
C ARG B 170 4.37 23.53 -21.33
N THR B 171 3.64 22.94 -22.27
CA THR B 171 3.46 23.49 -23.64
C THR B 171 2.52 24.69 -23.54
N SER B 172 2.51 25.55 -24.57
N SER B 172 2.52 25.54 -24.56
CA SER B 172 1.57 26.69 -24.68
CA SER B 172 1.59 26.69 -24.71
C SER B 172 0.23 26.19 -25.22
C SER B 172 0.24 26.19 -25.22
N ARG B 173 0.24 25.13 -26.04
CA ARG B 173 -0.97 24.65 -26.77
C ARG B 173 -1.22 23.15 -26.52
N MET B 174 -2.41 22.71 -26.89
CA MET B 174 -2.83 21.29 -26.84
C MET B 174 -3.49 20.94 -28.17
N HIS B 175 -3.24 19.72 -28.66
CA HIS B 175 -3.84 19.20 -29.91
C HIS B 175 -5.18 18.56 -29.59
N TYR B 176 -6.20 18.88 -30.40
CA TYR B 176 -7.52 18.24 -30.42
C TYR B 176 -7.65 17.48 -31.73
N PRO B 177 -8.60 16.53 -31.86
CA PRO B 177 -8.76 15.77 -33.10
C PRO B 177 -8.79 16.63 -34.38
N HIS B 178 -9.36 17.83 -34.31
CA HIS B 178 -9.65 18.69 -35.50
C HIS B 178 -8.94 20.05 -35.45
N HIS B 179 -8.23 20.40 -34.38
CA HIS B 179 -7.60 21.74 -34.28
C HIS B 179 -6.48 21.79 -33.22
N VAL B 180 -5.62 22.79 -33.38
CA VAL B 180 -4.61 23.25 -32.37
C VAL B 180 -5.34 24.23 -31.43
N GLN B 181 -5.34 23.94 -30.14
CA GLN B 181 -5.96 24.81 -29.11
C GLN B 181 -4.89 25.76 -28.56
N GLU B 182 -5.05 27.07 -28.82
CA GLU B 182 -4.22 28.16 -28.24
C GLU B 182 -4.48 28.24 -26.73
N GLY B 183 -3.47 28.61 -25.95
CA GLY B 183 -3.62 29.04 -24.55
C GLY B 183 -4.15 27.94 -23.65
N LEU B 184 -3.77 26.67 -23.93
CA LEU B 184 -4.13 25.52 -23.08
C LEU B 184 -2.90 24.65 -22.89
N PRO B 185 -2.17 24.78 -21.75
CA PRO B 185 -0.95 24.02 -21.52
C PRO B 185 -1.19 22.51 -21.41
N THR B 186 -0.34 21.73 -22.07
CA THR B 186 -0.21 20.27 -21.90
C THR B 186 1.03 20.02 -21.04
N THR B 187 0.88 19.32 -19.91
CA THR B 187 1.90 19.21 -18.86
C THR B 187 2.44 17.78 -18.78
N MET B 188 3.77 17.65 -18.82
CA MET B 188 4.50 16.38 -18.59
C MET B 188 5.37 16.57 -17.34
N TRP B 189 5.51 15.53 -16.53
CA TRP B 189 6.15 15.60 -15.18
C TRP B 189 7.40 14.74 -15.15
N LEU B 190 8.41 15.20 -14.40
CA LEU B 190 9.56 14.38 -13.97
C LEU B 190 9.22 13.83 -12.59
N THR B 191 8.98 12.52 -12.49
CA THR B 191 8.61 11.82 -11.23
CA THR B 191 8.63 11.84 -11.23
C THR B 191 9.77 10.89 -10.86
N ARG B 192 10.10 10.80 -9.57
CA ARG B 192 11.19 9.91 -9.09
C ARG B 192 10.60 8.89 -8.12
N VAL B 193 11.14 7.68 -8.17
CA VAL B 193 10.69 6.50 -7.37
C VAL B 193 11.93 5.88 -6.74
N GLY B 194 11.99 5.82 -5.41
CA GLY B 194 13.12 5.23 -4.68
C GLY B 194 13.16 3.73 -4.86
N MET B 195 14.36 3.16 -4.93
CA MET B 195 14.61 1.70 -4.94
C MET B 195 15.45 1.37 -3.72
N PRO B 196 14.83 1.29 -2.52
CA PRO B 196 15.56 1.19 -1.25
C PRO B 196 16.38 -0.11 -1.05
N ARG B 197 15.94 -1.23 -1.65
CA ARG B 197 16.55 -2.55 -1.42
C ARG B 197 18.03 -2.53 -1.83
N HIS B 198 18.93 -2.98 -0.95
CA HIS B 198 20.34 -3.27 -1.30
C HIS B 198 20.38 -4.63 -1.98
N GLY B 199 20.29 -4.63 -3.31
CA GLY B 199 20.19 -5.85 -4.14
C GLY B 199 20.33 -5.49 -5.60
N VAL B 200 20.53 -6.50 -6.45
CA VAL B 200 20.69 -6.33 -7.92
C VAL B 200 19.30 -6.40 -8.58
N ALA B 201 18.81 -5.28 -9.10
CA ALA B 201 17.54 -5.19 -9.86
C ALA B 201 17.80 -5.63 -11.31
N ARG B 202 16.89 -6.42 -11.89
CA ARG B 202 17.03 -6.94 -13.28
C ARG B 202 15.87 -6.46 -14.18
N SER B 203 14.74 -6.05 -13.61
CA SER B 203 13.57 -5.58 -14.39
C SER B 203 12.60 -4.76 -13.52
N LEU B 204 11.74 -3.99 -14.18
CA LEU B 204 10.64 -3.23 -13.56
C LEU B 204 9.34 -3.69 -14.21
N ARG B 205 8.23 -3.64 -13.48
CA ARG B 205 6.88 -3.66 -14.09
C ARG B 205 6.27 -2.28 -13.94
N LEU B 206 5.83 -1.70 -15.05
CA LEU B 206 5.09 -0.41 -15.07
C LEU B 206 3.69 -0.66 -14.53
N PRO B 207 2.98 0.41 -14.09
CA PRO B 207 1.59 0.27 -13.63
C PRO B 207 0.67 -0.41 -14.64
N ARG B 208 -0.40 -1.05 -14.15
CA ARG B 208 -1.51 -1.57 -14.95
C ARG B 208 -2.60 -0.49 -14.95
N SER B 209 -2.37 0.63 -15.63
CA SER B 209 -3.33 1.75 -15.72
C SER B 209 -3.23 2.47 -17.07
N VAL B 210 -4.30 2.39 -17.85
CA VAL B 210 -4.47 3.06 -19.16
C VAL B 210 -4.38 4.59 -18.99
N ALA B 211 -4.60 5.12 -17.79
CA ALA B 211 -4.52 6.57 -17.49
C ALA B 211 -3.07 7.07 -17.60
N MET B 212 -2.10 6.19 -17.34
CA MET B 212 -0.68 6.60 -17.15
C MET B 212 0.13 6.41 -18.44
N HIS B 213 0.95 7.43 -18.76
CA HIS B 213 1.82 7.51 -19.95
C HIS B 213 3.28 7.72 -19.52
N VAL B 214 4.19 6.89 -20.01
CA VAL B 214 5.66 7.03 -19.77
C VAL B 214 6.31 7.39 -21.11
N PHE B 215 6.96 8.56 -21.17
CA PHE B 215 7.63 9.10 -22.39
C PHE B 215 9.12 8.75 -22.37
N ALA B 216 9.72 8.62 -21.19
CA ALA B 216 11.15 8.27 -21.02
C ALA B 216 11.38 7.68 -19.63
N LEU B 217 12.43 6.87 -19.52
CA LEU B 217 12.78 6.11 -18.30
C LEU B 217 14.31 6.15 -18.15
N THR B 218 14.80 6.72 -17.06
CA THR B 218 16.25 6.77 -16.71
C THR B 218 16.42 6.22 -15.30
N LEU B 219 17.33 5.26 -15.15
CA LEU B 219 17.72 4.66 -13.84
C LEU B 219 18.99 5.37 -13.36
N ARG B 220 19.09 5.58 -12.05
CA ARG B 220 20.26 6.22 -11.39
C ARG B 220 20.88 5.19 -10.45
N THR B 221 22.13 4.79 -10.70
CA THR B 221 22.81 3.73 -9.92
C THR B 221 23.09 4.23 -8.50
N ALA B 222 23.25 3.28 -7.57
CA ALA B 222 23.69 3.52 -6.18
C ALA B 222 25.11 4.10 -6.22
N ALA B 223 25.42 4.99 -5.29
CA ALA B 223 26.75 5.60 -5.12
C ALA B 223 26.96 5.87 -3.63
N ALA B 224 27.93 5.17 -3.03
CA ALA B 224 28.30 5.31 -1.61
C ALA B 224 28.36 6.80 -1.27
N VAL B 225 27.55 7.24 -0.31
CA VAL B 225 27.62 8.59 0.30
C VAL B 225 27.77 8.38 1.81
N ARG B 226 28.84 8.93 2.40
CA ARG B 226 29.20 8.69 3.82
C ARG B 226 29.47 10.01 4.52
N LEU B 227 29.63 9.95 5.84
CA LEU B 227 30.17 11.04 6.69
C LEU B 227 31.51 11.49 6.10
N ALA B 228 31.67 12.79 5.84
CA ALA B 228 32.89 13.39 5.26
C ALA B 228 34.04 13.29 6.26
N GLU B 229 35.23 12.84 5.80
CA GLU B 229 36.46 12.71 6.61
C GLU B 229 37.17 14.07 6.67
N VAL C 23 -15.85 38.72 -9.03
CA VAL C 23 -16.19 37.36 -9.55
C VAL C 23 -14.88 36.60 -9.82
N GLU C 24 -14.58 35.60 -9.01
CA GLU C 24 -13.26 34.90 -8.99
C GLU C 24 -13.37 33.58 -9.75
N LEU C 25 -12.44 33.35 -10.68
CA LEU C 25 -12.24 32.04 -11.34
C LEU C 25 -11.70 31.05 -10.30
N TRP C 26 -12.32 29.88 -10.19
CA TRP C 26 -11.94 28.84 -9.20
C TRP C 26 -12.24 27.46 -9.77
N THR C 27 -11.24 26.60 -9.84
CA THR C 27 -11.44 25.17 -10.17
C THR C 27 -10.23 24.38 -9.65
N ARG C 28 -10.28 23.05 -9.86
CA ARG C 28 -9.20 22.10 -9.50
C ARG C 28 -9.07 21.11 -10.66
N ASP C 29 -7.90 20.47 -10.83
CA ASP C 29 -7.65 19.63 -12.02
C ASP C 29 -8.57 18.40 -12.00
N LEU C 30 -9.05 17.95 -10.83
CA LEU C 30 -10.03 16.81 -10.72
C LEU C 30 -11.47 17.32 -10.81
N GLY C 31 -11.69 18.64 -10.80
CA GLY C 31 -13.02 19.26 -10.67
C GLY C 31 -13.66 19.59 -12.00
N SER C 32 -14.99 19.74 -11.99
CA SER C 32 -15.80 20.16 -13.15
C SER C 32 -16.35 21.56 -12.93
N CYS C 33 -17.15 22.04 -13.89
CA CYS C 33 -17.89 23.33 -13.83
C CYS C 33 -18.89 23.32 -12.65
N LEU C 34 -19.23 22.15 -12.11
CA LEU C 34 -20.18 22.04 -10.96
C LEU C 34 -19.56 22.70 -9.72
N HIS C 35 -18.43 22.19 -9.22
CA HIS C 35 -17.71 22.79 -8.07
C HIS C 35 -17.22 24.19 -8.44
N GLY C 36 -16.76 24.38 -9.69
CA GLY C 36 -16.19 25.66 -10.15
C GLY C 36 -17.17 26.80 -10.01
N THR C 37 -18.36 26.67 -10.61
CA THR C 37 -19.40 27.73 -10.61
C THR C 37 -19.90 27.98 -9.18
N LEU C 38 -20.11 26.93 -8.40
CA LEU C 38 -20.57 27.06 -6.99
C LEU C 38 -19.49 27.80 -6.18
N ALA C 39 -18.21 27.48 -6.41
CA ALA C 39 -17.06 28.14 -5.74
C ALA C 39 -17.09 29.64 -6.02
N THR C 40 -17.31 30.04 -7.28
CA THR C 40 -17.39 31.47 -7.68
C THR C 40 -18.50 32.16 -6.87
N ALA C 41 -19.68 31.53 -6.80
CA ALA C 41 -20.86 32.06 -6.06
C ALA C 41 -20.52 32.20 -4.57
N LEU C 42 -19.86 31.20 -3.98
CA LEU C 42 -19.45 31.21 -2.54
C LEU C 42 -18.43 32.32 -2.30
N ILE C 43 -17.40 32.43 -3.14
CA ILE C 43 -16.32 33.46 -3.00
C ILE C 43 -16.96 34.85 -3.05
N ARG C 44 -17.95 35.08 -3.92
CA ARG C 44 -18.64 36.39 -4.08
C ARG C 44 -19.25 36.80 -2.73
N ASP C 45 -19.75 35.83 -1.95
CA ASP C 45 -20.45 36.04 -0.65
C ASP C 45 -19.47 35.91 0.52
N GLY C 46 -18.15 35.83 0.25
CA GLY C 46 -17.09 35.83 1.27
C GLY C 46 -16.92 34.49 1.96
N HIS C 47 -17.35 33.39 1.33
CA HIS C 47 -17.21 32.01 1.88
C HIS C 47 -15.99 31.33 1.24
N ASP C 48 -15.33 30.47 2.03
CA ASP C 48 -14.16 29.66 1.60
C ASP C 48 -14.68 28.40 0.92
N PRO C 49 -14.52 28.26 -0.43
CA PRO C 49 -15.09 27.12 -1.15
C PRO C 49 -14.50 25.78 -0.73
N VAL C 50 -13.23 25.77 -0.29
CA VAL C 50 -12.55 24.52 0.17
C VAL C 50 -13.27 24.02 1.44
N THR C 51 -13.58 24.93 2.37
CA THR C 51 -14.29 24.60 3.63
C THR C 51 -15.72 24.12 3.30
N VAL C 52 -16.44 24.85 2.44
CA VAL C 52 -17.89 24.61 2.17
C VAL C 52 -18.05 23.35 1.31
N LEU C 53 -17.34 23.27 0.19
CA LEU C 53 -17.52 22.20 -0.82
C LEU C 53 -16.58 21.02 -0.51
N GLY C 54 -15.53 21.24 0.30
CA GLY C 54 -14.56 20.19 0.65
C GLY C 54 -14.91 19.44 1.92
N ALA C 55 -15.78 19.97 2.79
CA ALA C 55 -16.16 19.31 4.06
C ALA C 55 -16.91 18.00 3.76
N PRO C 56 -17.95 18.01 2.89
CA PRO C 56 -18.68 16.79 2.58
C PRO C 56 -17.82 15.80 1.78
N TRP C 57 -17.99 14.50 2.08
CA TRP C 57 -17.36 13.41 1.30
C TRP C 57 -18.27 12.19 1.37
N GLU C 58 -18.81 11.77 0.23
CA GLU C 58 -19.75 10.62 0.17
C GLU C 58 -19.69 9.95 -1.19
N PHE C 59 -20.25 8.76 -1.26
CA PHE C 59 -20.57 8.08 -2.54
C PHE C 59 -22.06 7.74 -2.55
N ARG C 60 -22.77 8.19 -3.58
CA ARG C 60 -24.17 7.76 -3.84
C ARG C 60 -24.36 7.56 -5.33
N ARG C 61 -25.08 6.49 -5.68
CA ARG C 61 -25.53 6.22 -7.07
C ARG C 61 -26.98 5.72 -6.99
N ARG C 62 -27.90 6.44 -7.63
CA ARG C 62 -29.31 6.05 -7.81
C ARG C 62 -29.47 5.57 -9.25
N PRO C 63 -29.73 4.26 -9.49
CA PRO C 63 -29.99 3.77 -10.84
C PRO C 63 -31.08 4.63 -11.51
N GLY C 64 -30.82 5.09 -12.74
CA GLY C 64 -31.78 5.85 -13.55
C GLY C 64 -31.69 7.35 -13.35
N ALA C 65 -30.97 7.84 -12.33
CA ALA C 65 -30.98 9.27 -11.92
C ALA C 65 -30.08 10.09 -12.84
N TRP C 66 -28.96 9.53 -13.30
CA TRP C 66 -27.89 10.27 -14.01
C TRP C 66 -28.45 10.91 -15.29
N SER C 67 -27.96 12.11 -15.60
CA SER C 67 -28.18 12.82 -16.88
C SER C 67 -26.82 12.96 -17.57
N SER C 68 -26.81 13.06 -18.90
CA SER C 68 -25.59 13.18 -19.72
C SER C 68 -25.09 14.64 -19.65
N GLU C 69 -24.59 15.04 -18.48
CA GLU C 69 -24.21 16.44 -18.16
C GLU C 69 -22.92 16.42 -17.34
N GLU C 70 -22.00 17.34 -17.61
CA GLU C 70 -20.71 17.42 -16.87
C GLU C 70 -20.99 17.64 -15.38
N TYR C 71 -22.15 18.22 -15.06
CA TYR C 71 -22.49 18.76 -13.71
C TYR C 71 -23.50 17.84 -13.00
N PHE C 72 -23.67 16.60 -13.45
CA PHE C 72 -24.60 15.67 -12.76
C PHE C 72 -24.02 15.31 -11.39
N PHE C 73 -24.86 15.42 -10.37
CA PHE C 73 -24.59 14.97 -8.98
C PHE C 73 -25.93 14.54 -8.38
N PHE C 74 -25.96 13.38 -7.73
CA PHE C 74 -27.18 12.88 -7.06
C PHE C 74 -27.36 13.63 -5.75
N ALA C 75 -28.39 14.49 -5.68
CA ALA C 75 -28.61 15.47 -4.60
C ALA C 75 -29.80 15.08 -3.71
N GLU C 76 -30.81 14.40 -4.28
CA GLU C 76 -32.09 14.07 -3.61
C GLU C 76 -31.81 13.48 -2.22
N PRO C 77 -32.56 13.89 -1.17
CA PRO C 77 -33.67 14.86 -1.27
C PRO C 77 -33.23 16.33 -1.14
N ASP C 78 -31.92 16.56 -0.98
CA ASP C 78 -31.34 17.93 -0.87
C ASP C 78 -31.37 18.59 -2.24
N SER C 79 -31.26 19.92 -2.27
CA SER C 79 -30.98 20.68 -3.51
C SER C 79 -29.55 20.33 -3.97
N LEU C 80 -29.23 20.61 -5.22
CA LEU C 80 -27.89 20.32 -5.81
C LEU C 80 -26.80 20.99 -4.95
N ALA C 81 -26.91 22.30 -4.71
CA ALA C 81 -25.93 23.06 -3.89
C ALA C 81 -25.98 22.57 -2.43
N GLY C 82 -27.17 22.27 -1.92
CA GLY C 82 -27.38 21.72 -0.57
C GLY C 82 -26.56 20.46 -0.34
N ARG C 83 -26.62 19.51 -1.28
CA ARG C 83 -25.92 18.21 -1.11
C ARG C 83 -24.41 18.41 -1.21
N LEU C 84 -23.96 19.26 -2.14
CA LEU C 84 -22.52 19.54 -2.36
C LEU C 84 -21.94 20.33 -1.20
N ALA C 85 -22.77 21.01 -0.40
CA ALA C 85 -22.37 21.81 0.79
C ALA C 85 -23.19 21.35 2.00
N LEU C 86 -23.17 20.04 2.25
CA LEU C 86 -24.03 19.29 3.21
C LEU C 86 -23.98 19.89 4.62
N TYR C 87 -22.85 20.48 5.04
CA TYR C 87 -22.64 20.98 6.42
C TYR C 87 -22.88 22.49 6.52
N HIS C 88 -23.33 23.13 5.43
CA HIS C 88 -23.57 24.59 5.37
C HIS C 88 -25.01 24.87 4.97
N PRO C 89 -25.59 26.02 5.39
CA PRO C 89 -26.94 26.42 5.00
C PRO C 89 -26.94 27.00 3.59
N PHE C 90 -26.44 26.21 2.64
CA PHE C 90 -26.29 26.58 1.20
C PHE C 90 -27.37 25.82 0.44
N GLU C 91 -28.11 26.52 -0.43
CA GLU C 91 -29.27 25.96 -1.16
C GLU C 91 -29.23 26.44 -2.60
N SER C 92 -29.78 25.64 -3.52
CA SER C 92 -29.98 26.05 -4.93
C SER C 92 -31.40 25.71 -5.38
N THR C 93 -31.84 26.42 -6.42
CA THR C 93 -33.09 26.14 -7.16
C THR C 93 -32.77 26.19 -8.65
N TRP C 94 -33.28 25.22 -9.41
CA TRP C 94 -33.24 25.18 -10.89
C TRP C 94 -34.41 25.99 -11.45
N HIS C 95 -34.18 26.71 -12.55
CA HIS C 95 -35.20 27.51 -13.27
C HIS C 95 -35.05 27.23 -14.76
N ARG C 96 -36.19 27.10 -15.46
CA ARG C 96 -36.27 27.08 -16.95
C ARG C 96 -36.82 28.44 -17.38
N SER C 97 -36.03 29.25 -18.08
CA SER C 97 -36.41 30.62 -18.51
C SER C 97 -37.29 30.55 -19.77
N ASP C 98 -38.49 31.12 -19.68
CA ASP C 98 -39.44 31.28 -20.82
C ASP C 98 -38.91 32.37 -21.77
N GLY C 99 -39.42 32.41 -23.00
CA GLY C 99 -39.10 33.46 -24.00
C GLY C 99 -37.78 33.21 -24.70
N ASP C 100 -37.23 34.26 -25.32
CA ASP C 100 -36.08 34.18 -26.27
C ASP C 100 -34.94 35.14 -25.86
N GLY C 101 -35.08 35.87 -24.75
CA GLY C 101 -34.10 36.88 -24.29
C GLY C 101 -33.39 36.45 -23.02
N VAL C 102 -32.88 37.42 -22.24
CA VAL C 102 -32.18 37.17 -20.94
C VAL C 102 -32.76 38.08 -19.85
N ASP C 103 -34.02 38.50 -19.97
CA ASP C 103 -34.68 39.42 -18.99
C ASP C 103 -34.67 38.80 -17.59
N ASP C 104 -34.91 37.49 -17.46
CA ASP C 104 -34.91 36.79 -16.15
C ASP C 104 -33.52 36.92 -15.50
N LEU C 105 -32.45 36.78 -16.29
CA LEU C 105 -31.05 36.86 -15.80
C LEU C 105 -30.73 38.29 -15.40
N ARG C 106 -31.19 39.28 -16.18
CA ARG C 106 -31.06 40.73 -15.84
C ARG C 106 -31.71 40.99 -14.48
N GLU C 107 -32.93 40.50 -14.28
CA GLU C 107 -33.69 40.70 -13.01
C GLU C 107 -32.96 40.01 -11.85
N ALA C 108 -32.42 38.81 -12.07
CA ALA C 108 -31.64 38.05 -11.07
C ALA C 108 -30.41 38.86 -10.64
N LEU C 109 -29.64 39.37 -11.61
CA LEU C 109 -28.41 40.15 -11.35
C LEU C 109 -28.75 41.42 -10.58
N ALA C 110 -29.84 42.10 -10.95
CA ALA C 110 -30.30 43.36 -10.31
C ALA C 110 -30.67 43.11 -8.85
N ALA C 111 -31.10 41.88 -8.51
CA ALA C 111 -31.45 41.44 -7.13
C ALA C 111 -30.21 40.90 -6.40
N GLY C 112 -29.03 40.96 -7.02
CA GLY C 112 -27.74 40.58 -6.41
C GLY C 112 -27.42 39.10 -6.54
N VAL C 113 -28.20 38.35 -7.34
CA VAL C 113 -27.98 36.89 -7.60
C VAL C 113 -26.93 36.74 -8.70
N LEU C 114 -26.06 35.74 -8.60
CA LEU C 114 -25.12 35.32 -9.67
C LEU C 114 -25.70 34.09 -10.37
N PRO C 115 -26.40 34.24 -11.52
CA PRO C 115 -26.94 33.10 -12.23
C PRO C 115 -25.82 32.13 -12.70
N ILE C 116 -26.04 30.83 -12.52
CA ILE C 116 -25.20 29.75 -13.10
C ILE C 116 -26.01 29.13 -14.24
N ALA C 117 -25.60 29.38 -15.49
CA ALA C 117 -26.37 29.02 -16.70
C ALA C 117 -25.95 27.65 -17.22
N ALA C 118 -26.93 26.82 -17.58
CA ALA C 118 -26.73 25.54 -18.29
C ALA C 118 -26.46 25.85 -19.77
N VAL C 119 -25.26 25.53 -20.24
CA VAL C 119 -24.79 25.94 -21.61
C VAL C 119 -24.23 24.73 -22.33
N ASP C 120 -24.20 24.79 -23.66
CA ASP C 120 -23.57 23.79 -24.55
C ASP C 120 -22.26 24.38 -25.05
N ASN C 121 -21.13 23.71 -24.76
CA ASN C 121 -19.77 24.19 -25.11
C ASN C 121 -19.63 24.36 -26.63
N PHE C 122 -20.41 23.61 -27.41
CA PHE C 122 -20.44 23.68 -28.90
C PHE C 122 -20.66 25.13 -29.35
N HIS C 123 -21.41 25.93 -28.57
CA HIS C 123 -21.85 27.29 -28.95
C HIS C 123 -21.10 28.39 -28.19
N LEU C 124 -20.09 28.04 -27.40
CA LEU C 124 -19.28 29.01 -26.61
C LEU C 124 -17.97 29.28 -27.35
N PRO C 125 -17.76 30.50 -27.90
CA PRO C 125 -16.58 30.78 -28.73
C PRO C 125 -15.22 30.53 -28.06
N PHE C 126 -15.15 30.64 -26.72
CA PHE C 126 -13.91 30.55 -25.93
C PHE C 126 -13.64 29.10 -25.50
N ARG C 127 -14.58 28.17 -25.75
CA ARG C 127 -14.42 26.74 -25.39
C ARG C 127 -13.73 26.01 -26.54
N PRO C 128 -12.78 25.09 -26.25
CA PRO C 128 -12.19 24.25 -27.28
C PRO C 128 -13.22 23.49 -28.13
N ALA C 129 -14.38 23.17 -27.54
CA ALA C 129 -15.49 22.41 -28.16
C ALA C 129 -16.22 23.25 -29.22
N PHE C 130 -15.96 24.56 -29.30
CA PHE C 130 -16.70 25.51 -30.17
C PHE C 130 -16.88 24.90 -31.58
N HIS C 131 -18.14 24.68 -31.97
CA HIS C 131 -18.55 24.17 -33.30
C HIS C 131 -17.82 22.86 -33.64
N ASP C 132 -17.52 22.05 -32.62
CA ASP C 132 -16.76 20.79 -32.79
C ASP C 132 -17.40 19.67 -31.96
N VAL C 133 -17.65 19.92 -30.66
CA VAL C 133 -18.16 18.89 -29.71
C VAL C 133 -19.30 19.49 -28.88
N HIS C 134 -20.45 18.82 -28.85
CA HIS C 134 -21.59 19.15 -27.95
C HIS C 134 -21.27 18.62 -26.55
N ALA C 135 -21.43 19.44 -25.51
CA ALA C 135 -21.22 19.05 -24.09
C ALA C 135 -22.02 19.99 -23.18
N ALA C 136 -22.84 19.41 -22.29
CA ALA C 136 -23.65 20.13 -21.29
C ALA C 136 -22.74 20.59 -20.16
N HIS C 137 -22.70 21.90 -19.92
CA HIS C 137 -21.68 22.65 -19.14
C HIS C 137 -22.39 23.70 -18.29
N LEU C 138 -21.72 24.23 -17.28
CA LEU C 138 -22.19 25.38 -16.46
C LEU C 138 -21.15 26.50 -16.54
N LEU C 139 -21.61 27.75 -16.58
CA LEU C 139 -20.76 28.94 -16.34
C LEU C 139 -21.56 29.97 -15.53
N VAL C 140 -20.85 30.95 -14.99
CA VAL C 140 -21.41 32.08 -14.21
C VAL C 140 -21.69 33.24 -15.18
N VAL C 141 -22.87 33.84 -15.08
CA VAL C 141 -23.22 35.14 -15.73
C VAL C 141 -23.13 36.23 -14.65
N TYR C 142 -22.32 37.27 -14.85
CA TYR C 142 -22.07 38.29 -13.80
C TYR C 142 -22.43 39.70 -14.27
N ARG C 143 -22.74 39.89 -15.55
CA ARG C 143 -23.14 41.20 -16.11
C ARG C 143 -23.84 40.98 -17.46
N ILE C 144 -24.91 41.75 -17.72
CA ILE C 144 -25.63 41.73 -19.02
C ILE C 144 -25.84 43.18 -19.47
N THR C 145 -25.52 43.45 -20.74
CA THR C 145 -25.81 44.74 -21.42
C THR C 145 -26.81 44.46 -22.54
N GLU C 146 -27.18 45.47 -23.33
CA GLU C 146 -28.13 45.33 -24.47
C GLU C 146 -27.59 44.27 -25.45
N THR C 147 -26.27 44.16 -25.61
CA THR C 147 -25.63 43.40 -26.73
C THR C 147 -24.67 42.30 -26.24
N GLU C 148 -24.29 42.29 -24.96
CA GLU C 148 -23.24 41.35 -24.45
C GLU C 148 -23.70 40.67 -23.16
N VAL C 149 -23.28 39.42 -22.99
CA VAL C 149 -23.41 38.64 -21.72
C VAL C 149 -21.98 38.40 -21.21
N TYR C 150 -21.66 38.90 -20.03
CA TYR C 150 -20.35 38.70 -19.37
C TYR C 150 -20.40 37.38 -18.61
N VAL C 151 -19.51 36.44 -18.96
CA VAL C 151 -19.50 35.06 -18.42
C VAL C 151 -18.13 34.81 -17.78
N SER C 152 -18.12 33.93 -16.77
CA SER C 152 -16.92 33.49 -16.04
C SER C 152 -16.90 31.95 -16.07
N ASP C 153 -15.86 31.37 -16.66
CA ASP C 153 -15.73 29.91 -16.83
C ASP C 153 -14.28 29.50 -16.55
N ALA C 154 -14.04 28.94 -15.36
CA ALA C 154 -12.68 28.59 -14.85
C ALA C 154 -12.17 27.28 -15.46
N GLN C 155 -13.02 26.49 -16.12
CA GLN C 155 -12.59 25.19 -16.71
C GLN C 155 -11.53 25.47 -17.76
N PRO C 156 -10.37 24.75 -17.73
CA PRO C 156 -9.30 25.01 -18.70
C PRO C 156 -9.79 24.90 -20.14
N PRO C 157 -9.50 25.86 -21.05
CA PRO C 157 -8.81 27.11 -20.73
C PRO C 157 -9.76 28.17 -20.16
N ALA C 158 -9.40 28.75 -19.01
CA ALA C 158 -10.26 29.70 -18.25
C ALA C 158 -10.57 30.91 -19.13
N PHE C 159 -11.78 31.45 -19.00
CA PHE C 159 -12.26 32.66 -19.70
C PHE C 159 -13.12 33.50 -18.75
N GLN C 160 -12.97 34.81 -18.80
CA GLN C 160 -13.85 35.76 -18.10
C GLN C 160 -13.99 37.03 -18.95
N GLY C 161 -15.20 37.36 -19.36
CA GLY C 161 -15.48 38.59 -20.11
C GLY C 161 -16.74 38.48 -20.96
N ALA C 162 -16.95 39.48 -21.81
CA ALA C 162 -18.13 39.63 -22.68
C ALA C 162 -18.08 38.58 -23.80
N ILE C 163 -19.21 37.98 -24.10
CA ILE C 163 -19.48 37.29 -25.40
C ILE C 163 -20.74 37.91 -25.98
N PRO C 164 -20.90 37.89 -27.33
CA PRO C 164 -22.13 38.39 -27.94
C PRO C 164 -23.37 37.71 -27.36
N LEU C 165 -24.41 38.50 -27.07
CA LEU C 165 -25.73 38.00 -26.60
C LEU C 165 -26.16 36.80 -27.44
N ALA C 166 -26.02 36.89 -28.77
CA ALA C 166 -26.47 35.85 -29.73
C ALA C 166 -25.78 34.51 -29.43
N ASP C 167 -24.48 34.55 -29.11
CA ASP C 167 -23.68 33.34 -28.80
C ASP C 167 -24.16 32.75 -27.47
N PHE C 168 -24.38 33.60 -26.46
CA PHE C 168 -24.91 33.15 -25.15
C PHE C 168 -26.26 32.46 -25.37
N LEU C 169 -27.19 33.12 -26.07
CA LEU C 169 -28.55 32.57 -26.32
C LEU C 169 -28.43 31.23 -27.05
N ALA C 170 -27.54 31.13 -28.05
CA ALA C 170 -27.32 29.90 -28.83
C ALA C 170 -26.91 28.77 -27.87
N SER C 171 -26.03 29.06 -26.92
CA SER C 171 -25.49 28.06 -25.95
C SER C 171 -26.55 27.73 -24.90
N TRP C 172 -27.28 28.75 -24.43
CA TRP C 172 -28.30 28.63 -23.37
C TRP C 172 -29.56 27.91 -23.91
N GLY C 173 -29.83 28.02 -25.21
CA GLY C 173 -31.01 27.39 -25.86
C GLY C 173 -30.65 26.13 -26.64
N SER C 174 -29.39 25.69 -26.61
CA SER C 174 -28.90 24.58 -27.46
C SER C 174 -29.73 23.31 -27.20
N LEU C 175 -30.08 22.59 -28.27
CA LEU C 175 -30.71 21.25 -28.16
C LEU C 175 -29.67 20.23 -27.70
N ASN C 176 -28.37 20.58 -27.76
CA ASN C 176 -27.25 19.70 -27.35
C ASN C 176 -27.54 18.28 -27.83
N PRO C 177 -27.65 18.06 -29.16
CA PRO C 177 -28.10 16.77 -29.69
C PRO C 177 -27.09 15.66 -29.40
N PRO C 178 -27.51 14.37 -29.47
CA PRO C 178 -26.57 13.25 -29.39
C PRO C 178 -25.39 13.49 -30.34
N ASP C 179 -24.17 13.35 -29.82
CA ASP C 179 -22.90 13.64 -30.55
C ASP C 179 -22.00 12.42 -30.42
N ASP C 180 -21.65 11.79 -31.54
CA ASP C 180 -20.76 10.60 -31.61
C ASP C 180 -19.41 10.94 -30.96
N ALA C 181 -19.01 12.22 -30.95
CA ALA C 181 -17.72 12.71 -30.40
C ALA C 181 -17.82 12.97 -28.89
N ASP C 182 -19.03 12.87 -28.30
CA ASP C 182 -19.23 13.07 -26.84
C ASP C 182 -20.41 12.23 -26.36
N VAL C 183 -20.15 10.96 -26.06
CA VAL C 183 -21.19 9.98 -25.60
C VAL C 183 -21.52 10.26 -24.12
N PHE C 184 -20.79 11.14 -23.42
CA PHE C 184 -20.94 11.37 -21.96
C PHE C 184 -21.87 12.55 -21.68
N PHE C 185 -21.69 13.68 -22.38
CA PHE C 185 -22.29 14.99 -21.99
C PHE C 185 -23.11 15.60 -23.14
N SER C 186 -23.38 14.86 -24.22
CA SER C 186 -24.33 15.28 -25.29
C SER C 186 -25.71 14.68 -25.00
N ALA C 187 -26.72 15.09 -25.78
CA ALA C 187 -28.12 14.62 -25.70
C ALA C 187 -28.79 15.13 -24.41
N SER C 188 -28.38 16.31 -23.94
CA SER C 188 -29.00 17.00 -22.77
CA SER C 188 -28.98 17.00 -22.75
C SER C 188 -29.23 18.47 -23.11
N PRO C 189 -30.40 18.82 -23.69
CA PRO C 189 -30.66 20.21 -24.06
C PRO C 189 -30.39 21.17 -22.90
N SER C 190 -29.77 22.32 -23.21
CA SER C 190 -29.51 23.42 -22.24
C SER C 190 -30.84 23.85 -21.61
N GLY C 191 -31.89 23.96 -22.43
CA GLY C 191 -33.28 24.24 -22.02
C GLY C 191 -33.44 25.58 -21.31
N ARG C 192 -32.52 26.53 -21.55
CA ARG C 192 -32.46 27.85 -20.88
C ARG C 192 -32.58 27.66 -19.37
N ARG C 193 -31.93 26.63 -18.85
CA ARG C 193 -31.91 26.30 -17.41
C ARG C 193 -30.82 27.15 -16.75
N TRP C 194 -31.08 27.59 -15.52
CA TRP C 194 -30.04 28.23 -14.68
C TRP C 194 -30.28 27.91 -13.21
N LEU C 195 -29.18 27.90 -12.45
CA LEU C 195 -29.14 27.54 -11.02
C LEU C 195 -28.97 28.83 -10.22
N ARG C 196 -29.85 29.07 -9.25
CA ARG C 196 -29.72 30.17 -8.25
C ARG C 196 -29.27 29.56 -6.93
N THR C 197 -28.20 30.12 -6.35
CA THR C 197 -27.63 29.67 -5.05
C THR C 197 -27.81 30.78 -4.03
N ARG C 198 -28.01 30.41 -2.76
CA ARG C 198 -28.10 31.33 -1.60
C ARG C 198 -27.52 30.62 -0.39
N MET C 199 -26.71 31.32 0.41
CA MET C 199 -26.40 30.95 1.81
C MET C 199 -27.49 31.59 2.67
N THR C 200 -28.35 30.77 3.28
CA THR C 200 -29.66 31.22 3.85
C THR C 200 -29.50 31.50 5.35
N GLY C 201 -28.31 31.25 5.91
CA GLY C 201 -27.97 31.59 7.30
C GLY C 201 -26.46 31.72 7.49
N PRO C 202 -25.99 32.07 8.70
CA PRO C 202 -24.56 32.12 8.98
C PRO C 202 -23.91 30.73 8.92
N VAL C 203 -22.65 30.69 8.50
CA VAL C 203 -21.86 29.43 8.36
C VAL C 203 -21.45 28.98 9.76
N PRO C 204 -21.30 27.66 10.00
CA PRO C 204 -20.71 27.17 11.24
C PRO C 204 -19.23 27.60 11.30
N GLU C 205 -18.74 27.94 12.50
CA GLU C 205 -17.30 28.21 12.73
C GLU C 205 -16.55 26.91 12.47
N PRO C 206 -15.63 26.86 11.48
CA PRO C 206 -14.91 25.63 11.17
C PRO C 206 -13.72 25.41 12.11
N ASP C 207 -14.02 25.16 13.39
CA ASP C 207 -13.00 24.93 14.46
C ASP C 207 -12.70 23.43 14.54
N ARG C 208 -11.78 23.03 15.42
CA ARG C 208 -11.33 21.62 15.58
C ARG C 208 -12.54 20.70 15.80
N HIS C 209 -13.46 21.08 16.69
CA HIS C 209 -14.64 20.25 17.06
C HIS C 209 -15.56 20.09 15.84
N TRP C 210 -15.73 21.14 15.03
CA TRP C 210 -16.56 21.10 13.80
C TRP C 210 -15.93 20.13 12.79
N VAL C 211 -14.62 20.24 12.56
CA VAL C 211 -13.88 19.34 11.62
C VAL C 211 -14.01 17.89 12.10
N GLY C 212 -13.86 17.64 13.42
CA GLY C 212 -14.04 16.31 14.02
C GLY C 212 -15.43 15.75 13.70
N ARG C 213 -16.46 16.56 13.87
CA ARG C 213 -17.88 16.14 13.65
C ARG C 213 -18.11 15.86 12.16
N VAL C 214 -17.64 16.75 11.28
CA VAL C 214 -17.72 16.59 9.80
C VAL C 214 -17.11 15.22 9.43
N ILE C 215 -15.90 14.95 9.90
CA ILE C 215 -15.18 13.69 9.54
C ILE C 215 -16.00 12.50 10.06
N ARG C 216 -16.44 12.53 11.32
CA ARG C 216 -17.18 11.40 11.92
C ARG C 216 -18.49 11.18 11.14
N GLU C 217 -19.17 12.26 10.76
CA GLU C 217 -20.47 12.14 10.03
C GLU C 217 -20.20 11.56 8.63
N ASN C 218 -19.12 11.97 7.96
CA ASN C 218 -18.74 11.42 6.63
C ASN C 218 -18.43 9.91 6.78
N VAL C 219 -17.65 9.54 7.80
CA VAL C 219 -17.24 8.12 7.99
C VAL C 219 -18.49 7.27 8.29
N ALA C 220 -19.33 7.72 9.24
CA ALA C 220 -20.57 7.00 9.63
C ALA C 220 -21.45 6.79 8.38
N ARG C 221 -21.59 7.82 7.54
CA ARG C 221 -22.43 7.76 6.31
C ARG C 221 -21.82 6.75 5.33
N TYR C 222 -20.49 6.70 5.21
CA TYR C 222 -19.78 5.74 4.32
C TYR C 222 -20.01 4.30 4.81
N ARG C 223 -20.02 4.08 6.13
CA ARG C 223 -20.06 2.72 6.74
C ARG C 223 -21.50 2.18 6.76
N GLN C 224 -22.50 3.07 6.77
CA GLN C 224 -23.95 2.72 6.80
C GLN C 224 -24.29 1.72 5.70
N GLU C 225 -25.02 0.65 6.03
CA GLU C 225 -25.60 -0.26 5.01
C GLU C 225 -26.60 0.55 4.19
N PRO C 226 -26.54 0.49 2.85
CA PRO C 226 -27.39 1.32 2.00
C PRO C 226 -28.81 0.78 1.85
N PRO C 227 -29.76 1.64 1.41
CA PRO C 227 -31.10 1.17 1.04
C PRO C 227 -31.03 0.40 -0.29
N ALA C 228 -32.05 -0.42 -0.54
CA ALA C 228 -32.15 -1.30 -1.73
C ALA C 228 -32.05 -0.47 -3.03
N ASP C 229 -32.61 0.74 -3.03
CA ASP C 229 -32.83 1.54 -4.27
C ASP C 229 -31.69 2.53 -4.51
N THR C 230 -30.77 2.73 -3.57
CA THR C 230 -29.64 3.69 -3.70
C THR C 230 -28.36 3.06 -3.18
N GLN C 231 -27.33 3.00 -4.03
CA GLN C 231 -25.98 2.49 -3.65
CA GLN C 231 -25.99 2.49 -3.64
C GLN C 231 -25.22 3.63 -2.97
N THR C 232 -25.11 3.58 -1.64
CA THR C 232 -24.44 4.62 -0.82
C THR C 232 -23.25 4.03 -0.08
N GLY C 233 -22.24 4.87 0.17
CA GLY C 233 -21.07 4.58 1.01
C GLY C 233 -20.23 3.43 0.49
N LEU C 234 -19.52 2.79 1.41
CA LEU C 234 -18.55 1.71 1.09
C LEU C 234 -19.32 0.48 0.59
N PRO C 235 -20.38 -0.01 1.26
CA PRO C 235 -21.12 -1.18 0.76
C PRO C 235 -21.77 -0.90 -0.61
N GLY C 236 -22.32 0.31 -0.78
CA GLY C 236 -22.93 0.77 -2.04
C GLY C 236 -21.93 0.81 -3.18
N LEU C 237 -20.71 1.30 -2.91
CA LEU C 237 -19.62 1.34 -3.92
C LEU C 237 -19.28 -0.09 -4.33
N ARG C 238 -19.12 -0.99 -3.36
CA ARG C 238 -18.84 -2.43 -3.62
C ARG C 238 -19.90 -3.00 -4.58
N ARG C 239 -21.19 -2.80 -4.27
CA ARG C 239 -22.33 -3.33 -5.05
C ARG C 239 -22.30 -2.72 -6.46
N TYR C 240 -22.15 -1.40 -6.54
CA TYR C 240 -22.10 -0.65 -7.82
C TYR C 240 -21.00 -1.22 -8.73
N LEU C 241 -19.78 -1.39 -8.21
CA LEU C 241 -18.62 -1.84 -9.00
C LEU C 241 -18.80 -3.32 -9.39
N ASP C 242 -19.34 -4.16 -8.51
CA ASP C 242 -19.67 -5.57 -8.82
C ASP C 242 -20.66 -5.64 -9.98
N GLU C 243 -21.73 -4.85 -9.91
CA GLU C 243 -22.80 -4.75 -10.95
C GLU C 243 -22.16 -4.31 -12.27
N LEU C 244 -21.28 -3.30 -12.20
CA LEU C 244 -20.58 -2.71 -13.37
C LEU C 244 -19.70 -3.76 -14.06
N CYS C 245 -18.90 -4.49 -13.28
CA CYS C 245 -17.91 -5.48 -13.77
C CYS C 245 -18.61 -6.75 -14.29
N ALA C 246 -19.88 -6.97 -13.91
CA ALA C 246 -20.69 -8.14 -14.31
C ALA C 246 -21.16 -7.99 -15.77
N LEU C 247 -21.23 -6.76 -16.28
CA LEU C 247 -21.67 -6.48 -17.67
C LEU C 247 -20.56 -6.91 -18.64
N THR C 248 -20.95 -7.40 -19.82
CA THR C 248 -20.01 -7.91 -20.84
C THR C 248 -19.51 -6.74 -21.68
N PRO C 249 -18.17 -6.54 -21.78
CA PRO C 249 -17.60 -5.45 -22.55
C PRO C 249 -18.17 -5.39 -23.98
N GLY C 250 -18.52 -4.19 -24.44
CA GLY C 250 -18.92 -3.94 -25.84
C GLY C 250 -20.42 -4.02 -26.03
N THR C 251 -21.16 -4.67 -25.13
CA THR C 251 -22.64 -4.77 -25.21
C THR C 251 -23.27 -3.39 -24.96
N ASN C 252 -24.49 -3.18 -25.44
CA ASN C 252 -25.25 -1.92 -25.25
C ASN C 252 -25.40 -1.66 -23.73
N ALA C 253 -25.68 -2.71 -22.96
CA ALA C 253 -25.81 -2.66 -21.48
C ALA C 253 -24.51 -2.09 -20.87
N ALA C 254 -23.36 -2.60 -21.29
CA ALA C 254 -22.03 -2.16 -20.81
C ALA C 254 -21.79 -0.69 -21.22
N SER C 255 -22.10 -0.35 -22.48
CA SER C 255 -21.95 1.03 -23.03
C SER C 255 -22.74 2.03 -22.16
N GLU C 256 -24.01 1.75 -21.89
CA GLU C 256 -24.89 2.62 -21.04
C GLU C 256 -24.26 2.74 -19.65
N ALA C 257 -23.81 1.63 -19.06
CA ALA C 257 -23.24 1.59 -17.69
C ALA C 257 -21.93 2.39 -17.62
N LEU C 258 -21.10 2.32 -18.68
CA LEU C 258 -19.77 2.99 -18.70
C LEU C 258 -19.95 4.50 -18.94
N SER C 259 -20.96 4.90 -19.72
CA SER C 259 -21.36 6.32 -19.90
C SER C 259 -21.75 6.88 -18.52
N GLU C 260 -22.66 6.19 -17.83
CA GLU C 260 -23.08 6.56 -16.46
C GLU C 260 -21.83 6.67 -15.57
N LEU C 261 -20.97 5.65 -15.59
CA LEU C 261 -19.75 5.59 -14.73
C LEU C 261 -18.98 6.90 -14.87
N TYR C 262 -18.61 7.26 -16.11
CA TYR C 262 -17.72 8.41 -16.40
C TYR C 262 -18.37 9.70 -15.89
N VAL C 263 -19.67 9.86 -16.14
CA VAL C 263 -20.45 11.07 -15.76
C VAL C 263 -20.54 11.18 -14.24
N ILE C 264 -21.09 10.17 -13.57
CA ILE C 264 -21.35 10.27 -12.10
C ILE C 264 -20.00 10.40 -11.37
N SER C 265 -18.97 9.69 -11.83
CA SER C 265 -17.67 9.60 -11.12
C SER C 265 -16.90 10.92 -11.24
N TRP C 266 -17.18 11.77 -12.22
CA TRP C 266 -16.46 13.07 -12.33
C TRP C 266 -16.61 13.85 -11.01
N ASN C 267 -17.84 14.11 -10.60
CA ASN C 267 -18.10 15.02 -9.45
C ASN C 267 -17.88 14.28 -8.13
N ILE C 268 -18.01 12.95 -8.13
CA ILE C 268 -17.66 12.11 -6.94
C ILE C 268 -16.13 12.16 -6.76
N GLN C 269 -15.38 12.01 -7.85
CA GLN C 269 -13.90 12.13 -7.86
C GLN C 269 -13.50 13.55 -7.44
N ALA C 270 -14.15 14.57 -8.01
CA ALA C 270 -13.92 15.99 -7.69
C ALA C 270 -14.08 16.21 -6.19
N GLN C 271 -15.15 15.69 -5.58
CA GLN C 271 -15.42 15.88 -4.13
C GLN C 271 -14.32 15.21 -3.31
N SER C 272 -13.84 14.04 -3.76
CA SER C 272 -12.70 13.30 -3.12
C SER C 272 -11.47 14.21 -3.09
N GLY C 273 -11.11 14.81 -4.22
CA GLY C 273 -9.95 15.73 -4.30
C GLY C 273 -10.13 16.94 -3.40
N LEU C 274 -11.34 17.52 -3.37
CA LEU C 274 -11.62 18.73 -2.56
CA LEU C 274 -11.64 18.73 -2.56
C LEU C 274 -11.56 18.37 -1.07
N HIS C 275 -12.06 17.19 -0.71
CA HIS C 275 -12.07 16.73 0.70
C HIS C 275 -10.62 16.54 1.19
N ALA C 276 -9.76 15.96 0.36
CA ALA C 276 -8.31 15.81 0.64
C ALA C 276 -7.70 17.20 0.89
N GLU C 277 -8.00 18.18 0.04
CA GLU C 277 -7.48 19.57 0.16
C GLU C 277 -7.98 20.19 1.47
N PHE C 278 -9.27 20.03 1.77
CA PHE C 278 -9.92 20.46 3.04
C PHE C 278 -9.12 19.91 4.23
N LEU C 279 -8.76 18.62 4.19
CA LEU C 279 -8.03 17.96 5.30
C LEU C 279 -6.61 18.52 5.39
N ARG C 280 -5.93 18.70 4.24
CA ARG C 280 -4.56 19.29 4.19
C ARG C 280 -4.59 20.70 4.78
N ALA C 281 -5.56 21.53 4.40
CA ALA C 281 -5.68 22.94 4.84
C ALA C 281 -5.75 23.01 6.37
N HIS C 282 -6.56 22.13 6.99
CA HIS C 282 -6.76 22.11 8.46
C HIS C 282 -5.55 21.45 9.14
N SER C 283 -4.89 20.51 8.48
CA SER C 283 -3.59 19.95 8.95
C SER C 283 -2.58 21.08 9.12
N VAL C 284 -2.47 21.96 8.12
CA VAL C 284 -1.51 23.10 8.11
C VAL C 284 -1.93 24.12 9.18
N LYS C 285 -3.21 24.46 9.22
CA LYS C 285 -3.79 25.47 10.15
C LYS C 285 -3.41 25.14 11.60
N TRP C 286 -3.55 23.89 12.00
CA TRP C 286 -3.43 23.45 13.42
C TRP C 286 -2.19 22.56 13.65
N ARG C 287 -1.41 22.30 12.61
CA ARG C 287 -0.23 21.40 12.65
C ARG C 287 -0.64 20.09 13.33
N ILE C 288 -1.65 19.42 12.76
CA ILE C 288 -2.19 18.11 13.21
C ILE C 288 -1.91 17.11 12.09
N PRO C 289 -0.85 16.29 12.22
CA PRO C 289 -0.42 15.40 11.14
C PRO C 289 -1.46 14.34 10.76
N GLU C 290 -2.33 13.94 11.69
CA GLU C 290 -3.42 12.95 11.43
C GLU C 290 -4.29 13.43 10.26
N LEU C 291 -4.49 14.74 10.12
CA LEU C 291 -5.34 15.33 9.04
C LEU C 291 -4.63 15.20 7.69
N ALA C 292 -3.30 15.39 7.64
CA ALA C 292 -2.48 15.24 6.43
C ALA C 292 -2.45 13.76 6.01
N GLU C 293 -2.36 12.85 6.99
CA GLU C 293 -2.31 11.39 6.75
C GLU C 293 -3.67 10.94 6.18
N ALA C 294 -4.77 11.37 6.81
CA ALA C 294 -6.14 11.17 6.31
C ALA C 294 -6.26 11.73 4.89
N ALA C 295 -5.74 12.94 4.65
CA ALA C 295 -5.78 13.61 3.32
C ALA C 295 -5.16 12.68 2.27
N ALA C 296 -4.03 12.03 2.58
CA ALA C 296 -3.33 11.10 1.67
C ALA C 296 -4.25 9.93 1.32
N GLY C 297 -4.93 9.35 2.32
CA GLY C 297 -5.88 8.24 2.13
C GLY C 297 -7.04 8.66 1.24
N VAL C 298 -7.56 9.87 1.45
CA VAL C 298 -8.70 10.41 0.67
C VAL C 298 -8.23 10.68 -0.78
N ASP C 299 -7.04 11.26 -0.95
CA ASP C 299 -6.45 11.50 -2.30
C ASP C 299 -6.25 10.15 -3.02
N ALA C 300 -5.94 9.07 -2.29
CA ALA C 300 -5.74 7.73 -2.88
C ALA C 300 -7.08 7.27 -3.49
N VAL C 301 -8.21 7.60 -2.85
CA VAL C 301 -9.58 7.32 -3.38
C VAL C 301 -9.80 8.19 -4.63
N ALA C 302 -9.52 9.49 -4.55
CA ALA C 302 -9.62 10.41 -5.71
C ALA C 302 -8.84 9.79 -6.88
N HIS C 303 -7.60 9.37 -6.64
CA HIS C 303 -6.69 8.77 -7.65
C HIS C 303 -7.24 7.41 -8.11
N GLY C 304 -7.79 6.61 -7.18
CA GLY C 304 -8.40 5.31 -7.50
C GLY C 304 -9.53 5.47 -8.49
N TRP C 305 -10.31 6.54 -8.39
CA TRP C 305 -11.40 6.84 -9.36
C TRP C 305 -10.81 7.00 -10.77
N THR C 306 -9.61 7.54 -10.91
CA THR C 306 -8.96 7.74 -12.23
C THR C 306 -8.84 6.38 -12.93
N GLY C 307 -8.24 5.40 -12.26
CA GLY C 307 -8.08 4.03 -12.79
C GLY C 307 -9.38 3.46 -13.29
N VAL C 308 -10.44 3.57 -12.49
CA VAL C 308 -11.78 2.98 -12.79
C VAL C 308 -12.41 3.72 -13.98
N ARG C 309 -12.53 5.05 -13.91
CA ARG C 309 -13.32 5.81 -14.92
C ARG C 309 -12.57 5.87 -16.26
N MET C 310 -11.23 5.86 -16.26
CA MET C 310 -10.45 5.97 -17.53
C MET C 310 -10.41 4.60 -18.21
N THR C 311 -10.33 3.50 -17.44
CA THR C 311 -10.47 2.14 -18.00
C THR C 311 -11.86 2.03 -18.64
N GLY C 312 -12.89 2.52 -17.94
CA GLY C 312 -14.27 2.62 -18.45
C GLY C 312 -14.36 3.45 -19.71
N ALA C 313 -13.77 4.65 -19.70
CA ALA C 313 -13.85 5.62 -20.82
C ALA C 313 -13.31 4.99 -22.11
N HIS C 314 -12.13 4.36 -22.05
CA HIS C 314 -11.45 3.80 -23.26
C HIS C 314 -12.20 2.57 -23.77
N SER C 315 -12.78 1.78 -22.87
CA SER C 315 -13.68 0.66 -23.24
C SER C 315 -14.89 1.23 -23.99
N ARG C 316 -15.47 2.30 -23.47
CA ARG C 316 -16.71 2.91 -24.01
C ARG C 316 -16.45 3.54 -25.39
N VAL C 317 -15.36 4.30 -25.54
CA VAL C 317 -15.13 5.23 -26.68
C VAL C 317 -14.32 4.52 -27.77
N TRP C 318 -13.29 3.75 -27.40
CA TRP C 318 -12.28 3.18 -28.33
C TRP C 318 -12.37 1.65 -28.36
N GLN C 319 -13.38 1.07 -27.70
CA GLN C 319 -13.61 -0.40 -27.62
C GLN C 319 -12.35 -1.09 -27.07
N ARG C 320 -11.64 -0.44 -26.13
CA ARG C 320 -10.50 -1.03 -25.38
C ARG C 320 -11.08 -1.84 -24.22
N HIS C 321 -11.46 -3.09 -24.48
CA HIS C 321 -12.15 -3.98 -23.53
C HIS C 321 -11.11 -4.70 -22.65
N ARG C 322 -11.00 -4.27 -21.40
CA ARG C 322 -10.01 -4.82 -20.42
C ARG C 322 -10.75 -5.08 -19.10
N PRO C 323 -11.62 -6.12 -19.06
CA PRO C 323 -12.42 -6.40 -17.87
C PRO C 323 -11.56 -6.70 -16.63
N ALA C 324 -10.41 -7.37 -16.80
CA ALA C 324 -9.48 -7.67 -15.69
C ALA C 324 -8.93 -6.36 -15.11
N GLU C 325 -8.59 -5.40 -15.98
CA GLU C 325 -8.09 -4.07 -15.56
C GLU C 325 -9.20 -3.34 -14.79
N LEU C 326 -10.43 -3.31 -15.32
CA LEU C 326 -11.55 -2.59 -14.69
C LEU C 326 -11.80 -3.18 -13.29
N ARG C 327 -11.84 -4.51 -13.20
CA ARG C 327 -12.06 -5.25 -11.92
C ARG C 327 -10.91 -4.92 -10.95
N GLY C 328 -9.67 -4.88 -11.45
CA GLY C 328 -8.46 -4.53 -10.66
C GLY C 328 -8.55 -3.14 -10.07
N HIS C 329 -8.87 -2.15 -10.90
CA HIS C 329 -9.04 -0.73 -10.47
C HIS C 329 -10.21 -0.64 -9.48
N ALA C 330 -11.31 -1.34 -9.77
CA ALA C 330 -12.54 -1.34 -8.92
C ALA C 330 -12.18 -1.85 -7.53
N THR C 331 -11.45 -2.97 -7.46
CA THR C 331 -11.02 -3.59 -6.18
C THR C 331 -10.05 -2.66 -5.44
N ALA C 332 -9.10 -2.04 -6.14
CA ALA C 332 -8.11 -1.10 -5.55
C ALA C 332 -8.85 0.10 -4.93
N LEU C 333 -9.89 0.59 -5.61
CA LEU C 333 -10.66 1.79 -5.17
C LEU C 333 -11.35 1.46 -3.84
N VAL C 334 -11.97 0.29 -3.74
CA VAL C 334 -12.66 -0.16 -2.50
C VAL C 334 -11.63 -0.27 -1.36
N ARG C 335 -10.49 -0.93 -1.60
CA ARG C 335 -9.44 -1.12 -0.56
C ARG C 335 -8.94 0.26 -0.11
N ARG C 336 -8.74 1.19 -1.04
CA ARG C 336 -8.27 2.56 -0.69
C ARG C 336 -9.34 3.26 0.16
N LEU C 337 -10.62 3.09 -0.17
CA LEU C 337 -11.73 3.72 0.61
C LEU C 337 -11.70 3.13 2.04
N GLU C 338 -11.62 1.80 2.17
CA GLU C 338 -11.52 1.12 3.49
C GLU C 338 -10.42 1.79 4.32
N ALA C 339 -9.21 1.89 3.75
CA ALA C 339 -8.01 2.43 4.43
C ALA C 339 -8.24 3.89 4.82
N ALA C 340 -8.83 4.68 3.91
CA ALA C 340 -9.10 6.13 4.10
C ALA C 340 -10.02 6.34 5.31
N LEU C 341 -11.09 5.55 5.42
CA LEU C 341 -12.08 5.66 6.52
C LEU C 341 -11.38 5.43 7.87
N ASP C 342 -10.49 4.44 7.96
CA ASP C 342 -9.72 4.13 9.20
C ASP C 342 -8.81 5.31 9.54
N LEU C 343 -8.10 5.87 8.55
CA LEU C 343 -7.23 7.06 8.76
C LEU C 343 -8.07 8.25 9.23
N LEU C 344 -9.29 8.39 8.70
CA LEU C 344 -10.17 9.54 9.03
C LEU C 344 -10.61 9.46 10.48
N GLU C 345 -10.85 8.25 11.01
CA GLU C 345 -11.27 8.07 12.42
C GLU C 345 -10.11 8.49 13.34
N LEU C 346 -8.87 8.18 12.97
CA LEU C 346 -7.68 8.63 13.73
C LEU C 346 -7.59 10.16 13.68
N ALA C 347 -7.92 10.77 12.54
CA ALA C 347 -7.91 12.24 12.34
C ALA C 347 -8.99 12.88 13.23
N ALA C 348 -10.22 12.35 13.23
CA ALA C 348 -11.34 12.85 14.05
C ALA C 348 -10.94 12.84 15.53
N ASP C 349 -10.32 11.75 15.99
CA ASP C 349 -9.85 11.57 17.40
C ASP C 349 -8.82 12.65 17.74
N ALA C 350 -7.98 13.05 16.78
CA ALA C 350 -6.89 14.04 16.97
C ALA C 350 -7.45 15.47 17.11
N VAL C 351 -8.69 15.73 16.68
CA VAL C 351 -9.30 17.10 16.69
C VAL C 351 -10.50 17.20 17.64
N SER C 352 -11.09 16.08 18.08
CA SER C 352 -12.35 16.05 18.86
C SER C 352 -12.07 16.11 20.36
N VAL D 23 22.21 -35.77 8.01
CA VAL D 23 21.15 -35.13 8.85
C VAL D 23 21.34 -33.60 8.79
N GLU D 24 20.49 -32.91 8.03
CA GLU D 24 20.68 -31.47 7.70
C GLU D 24 19.83 -30.61 8.64
N LEU D 25 20.46 -29.61 9.26
CA LEU D 25 19.77 -28.53 10.01
C LEU D 25 19.05 -27.64 9.00
N TRP D 26 17.76 -27.40 9.21
CA TRP D 26 16.91 -26.57 8.30
C TRP D 26 15.87 -25.85 9.14
N THR D 27 15.80 -24.52 9.02
CA THR D 27 14.71 -23.70 9.61
C THR D 27 14.69 -22.34 8.92
N ARG D 28 13.76 -21.48 9.34
CA ARG D 28 13.55 -20.11 8.81
C ARG D 28 13.20 -19.21 10.00
N ASP D 29 13.48 -17.90 9.91
CA ASP D 29 13.34 -17.01 11.10
C ASP D 29 11.86 -16.88 11.49
N LEU D 30 10.91 -17.17 10.59
CA LEU D 30 9.46 -17.18 10.92
C LEU D 30 9.00 -18.59 11.35
N GLY D 31 9.87 -19.60 11.21
CA GLY D 31 9.51 -21.02 11.39
C GLY D 31 9.75 -21.52 12.79
N SER D 32 9.10 -22.64 13.13
CA SER D 32 9.26 -23.37 14.41
C SER D 32 9.90 -24.73 14.15
N CYS D 33 10.10 -25.51 15.22
CA CYS D 33 10.57 -26.91 15.20
C CYS D 33 9.63 -27.80 14.37
N LEU D 34 8.38 -27.39 14.16
CA LEU D 34 7.41 -28.16 13.33
C LEU D 34 7.93 -28.30 11.90
N HIS D 35 8.07 -27.20 11.16
CA HIS D 35 8.63 -27.21 9.77
C HIS D 35 10.08 -27.69 9.79
N GLY D 36 10.85 -27.32 10.82
CA GLY D 36 12.29 -27.63 10.89
C GLY D 36 12.55 -29.13 10.91
N THR D 37 11.93 -29.85 11.85
CA THR D 37 12.12 -31.30 12.03
C THR D 37 11.60 -32.03 10.78
N LEU D 38 10.44 -31.63 10.26
CA LEU D 38 9.87 -32.25 9.04
C LEU D 38 10.83 -32.02 7.86
N ALA D 39 11.45 -30.84 7.75
CA ALA D 39 12.38 -30.50 6.66
C ALA D 39 13.61 -31.41 6.75
N THR D 40 14.14 -31.66 7.95
CA THR D 40 15.29 -32.57 8.16
C THR D 40 14.92 -33.97 7.66
N ALA D 41 13.74 -34.47 8.00
CA ALA D 41 13.22 -35.79 7.59
C ALA D 41 13.10 -35.85 6.06
N LEU D 42 12.55 -34.81 5.44
CA LEU D 42 12.33 -34.72 3.98
C LEU D 42 13.69 -34.70 3.25
N ILE D 43 14.64 -33.91 3.74
CA ILE D 43 16.00 -33.76 3.13
C ILE D 43 16.70 -35.13 3.14
N ARG D 44 16.58 -35.88 4.24
CA ARG D 44 17.17 -37.24 4.37
C ARG D 44 16.66 -38.14 3.23
N ASP D 45 15.41 -37.98 2.82
CA ASP D 45 14.76 -38.81 1.76
C ASP D 45 14.88 -38.14 0.39
N GLY D 46 15.67 -37.06 0.29
CA GLY D 46 16.08 -36.44 -0.98
C GLY D 46 15.03 -35.46 -1.53
N HIS D 47 14.13 -34.97 -0.67
CA HIS D 47 13.00 -34.09 -1.06
C HIS D 47 13.35 -32.63 -0.74
N ASP D 48 12.82 -31.70 -1.52
CA ASP D 48 13.00 -30.24 -1.38
C ASP D 48 11.96 -29.72 -0.38
N PRO D 49 12.35 -29.34 0.86
CA PRO D 49 11.39 -28.95 1.88
C PRO D 49 10.64 -27.65 1.51
N VAL D 50 11.25 -26.78 0.70
CA VAL D 50 10.60 -25.51 0.23
C VAL D 50 9.40 -25.87 -0.66
N THR D 51 9.55 -26.86 -1.55
CA THR D 51 8.47 -27.34 -2.45
C THR D 51 7.41 -28.09 -1.63
N VAL D 52 7.84 -29.02 -0.78
CA VAL D 52 6.92 -29.94 -0.04
C VAL D 52 6.14 -29.15 1.02
N LEU D 53 6.83 -28.33 1.82
CA LEU D 53 6.21 -27.62 2.97
C LEU D 53 5.76 -26.20 2.55
N GLY D 54 6.26 -25.69 1.42
CA GLY D 54 6.00 -24.31 0.96
C GLY D 54 4.85 -24.22 -0.04
N ALA D 55 4.52 -25.31 -0.75
CA ALA D 55 3.41 -25.33 -1.75
C ALA D 55 2.08 -25.04 -1.07
N PRO D 56 1.74 -25.69 0.09
CA PRO D 56 0.48 -25.41 0.77
C PRO D 56 0.46 -24.02 1.42
N TRP D 57 -0.69 -23.36 1.38
CA TRP D 57 -0.93 -22.08 2.08
C TRP D 57 -2.41 -21.99 2.46
N GLU D 58 -2.70 -21.94 3.76
CA GLU D 58 -4.11 -21.88 4.26
C GLU D 58 -4.17 -21.24 5.64
N PHE D 59 -5.38 -20.94 6.07
CA PHE D 59 -5.72 -20.56 7.46
C PHE D 59 -6.87 -21.45 7.92
N ARG D 60 -6.68 -22.15 9.04
CA ARG D 60 -7.73 -22.95 9.72
C ARG D 60 -7.58 -22.78 11.23
N ARG D 61 -8.71 -22.60 11.92
CA ARG D 61 -8.77 -22.54 13.40
C ARG D 61 -10.04 -23.27 13.83
N ARG D 62 -9.89 -24.38 14.57
CA ARG D 62 -11.04 -25.10 15.18
C ARG D 62 -11.06 -24.77 16.67
N PRO D 63 -12.16 -24.16 17.17
CA PRO D 63 -12.28 -23.88 18.60
C PRO D 63 -12.02 -25.15 19.42
N GLY D 64 -11.13 -25.06 20.42
CA GLY D 64 -10.87 -26.15 21.38
C GLY D 64 -9.84 -27.16 20.87
N ALA D 65 -9.32 -27.00 19.65
CA ALA D 65 -8.40 -27.97 19.01
C ALA D 65 -6.96 -27.74 19.48
N TRP D 66 -6.57 -26.49 19.70
CA TRP D 66 -5.16 -26.10 19.97
C TRP D 66 -4.64 -26.77 21.24
N SER D 67 -3.35 -27.12 21.23
CA SER D 67 -2.57 -27.57 22.39
C SER D 67 -1.46 -26.54 22.64
N SER D 68 -1.00 -26.42 23.90
CA SER D 68 0.06 -25.46 24.31
C SER D 68 1.42 -26.04 23.90
N GLU D 69 1.67 -26.12 22.58
CA GLU D 69 2.89 -26.73 21.98
C GLU D 69 3.38 -25.81 20.87
N GLU D 70 4.71 -25.64 20.75
CA GLU D 70 5.34 -24.81 19.68
C GLU D 70 4.91 -25.34 18.31
N TYR D 71 4.61 -26.65 18.23
CA TYR D 71 4.42 -27.40 16.97
C TYR D 71 2.94 -27.69 16.72
N PHE D 72 2.02 -27.01 17.42
CA PHE D 72 0.57 -27.18 17.16
C PHE D 72 0.24 -26.66 15.76
N PHE D 73 -0.46 -27.50 14.99
CA PHE D 73 -1.04 -27.18 13.66
C PHE D 73 -2.34 -27.97 13.53
N PHE D 74 -3.41 -27.32 13.09
CA PHE D 74 -4.72 -27.99 12.89
C PHE D 74 -4.64 -28.82 11.59
N ALA D 75 -4.62 -30.14 11.73
CA ALA D 75 -4.31 -31.11 10.66
C ALA D 75 -5.57 -31.86 10.19
N GLU D 76 -6.54 -32.09 11.09
CA GLU D 76 -7.73 -32.94 10.85
C GLU D 76 -8.40 -32.53 9.54
N PRO D 77 -8.83 -33.49 8.67
CA PRO D 77 -8.75 -34.92 8.96
C PRO D 77 -7.42 -35.59 8.57
N ASP D 78 -6.50 -34.83 7.99
CA ASP D 78 -5.18 -35.34 7.52
C ASP D 78 -4.28 -35.61 8.74
N SER D 79 -3.21 -36.38 8.54
CA SER D 79 -2.09 -36.48 9.51
C SER D 79 -1.40 -35.11 9.59
N LEU D 80 -0.59 -34.89 10.63
CA LEU D 80 0.13 -33.62 10.85
C LEU D 80 1.01 -33.31 9.63
N ALA D 81 1.90 -34.23 9.25
CA ALA D 81 2.78 -34.09 8.07
C ALA D 81 1.93 -34.00 6.79
N GLY D 82 0.85 -34.78 6.73
CA GLY D 82 -0.11 -34.76 5.60
C GLY D 82 -0.61 -33.36 5.32
N ARG D 83 -1.11 -32.67 6.34
CA ARG D 83 -1.71 -31.32 6.16
C ARG D 83 -0.62 -30.30 5.78
N LEU D 84 0.56 -30.41 6.41
CA LEU D 84 1.70 -29.46 6.17
C LEU D 84 2.31 -29.67 4.77
N ALA D 85 2.10 -30.83 4.15
CA ALA D 85 2.55 -31.16 2.78
C ALA D 85 1.37 -31.64 1.94
N LEU D 86 0.31 -30.81 1.89
CA LEU D 86 -1.04 -31.15 1.36
C LEU D 86 -0.96 -31.72 -0.06
N TYR D 87 0.02 -31.31 -0.87
CA TYR D 87 0.12 -31.64 -2.32
C TYR D 87 1.10 -32.79 -2.56
N HIS D 88 1.64 -33.40 -1.51
CA HIS D 88 2.63 -34.50 -1.59
C HIS D 88 2.13 -35.72 -0.83
N PRO D 89 2.55 -36.95 -1.22
CA PRO D 89 2.13 -38.17 -0.54
C PRO D 89 2.93 -38.37 0.75
N PHE D 90 2.92 -37.36 1.62
CA PHE D 90 3.67 -37.31 2.90
C PHE D 90 2.67 -37.60 4.02
N GLU D 91 3.03 -38.53 4.93
CA GLU D 91 2.17 -38.96 6.06
C GLU D 91 2.99 -38.96 7.34
N SER D 92 2.35 -38.77 8.48
CA SER D 92 2.94 -38.97 9.82
C SER D 92 1.98 -39.80 10.68
N THR D 93 2.54 -40.46 11.70
CA THR D 93 1.80 -41.13 12.79
C THR D 93 2.47 -40.73 14.10
N TRP D 94 1.66 -40.39 15.10
CA TRP D 94 2.11 -40.15 16.49
C TRP D 94 2.23 -41.51 17.18
N HIS D 95 3.30 -41.70 17.97
CA HIS D 95 3.51 -42.89 18.82
C HIS D 95 3.82 -42.42 20.24
N ARG D 96 3.37 -43.18 21.24
CA ARG D 96 3.71 -42.98 22.68
C ARG D 96 4.47 -44.23 23.13
N SER D 97 5.73 -44.07 23.53
CA SER D 97 6.61 -45.20 23.96
C SER D 97 6.38 -45.48 25.44
N ASP D 98 6.05 -46.73 25.78
CA ASP D 98 5.91 -47.20 27.18
C ASP D 98 7.31 -47.44 27.75
N GLY D 99 7.41 -47.66 29.06
CA GLY D 99 8.68 -47.93 29.76
C GLY D 99 9.46 -46.66 30.06
N ASP D 100 10.76 -46.79 30.34
CA ASP D 100 11.65 -45.69 30.81
C ASP D 100 12.95 -45.64 29.99
N GLY D 101 13.04 -46.40 28.88
CA GLY D 101 14.23 -46.49 28.02
C GLY D 101 14.02 -45.76 26.71
N VAL D 102 14.83 -46.08 25.69
CA VAL D 102 14.70 -45.55 24.30
C VAL D 102 14.66 -46.72 23.31
N ASP D 103 14.31 -47.92 23.78
CA ASP D 103 14.27 -49.17 22.98
C ASP D 103 13.52 -48.90 21.67
N ASP D 104 12.30 -48.33 21.75
CA ASP D 104 11.41 -48.08 20.59
C ASP D 104 12.10 -47.17 19.57
N LEU D 105 12.87 -46.18 20.03
CA LEU D 105 13.60 -45.23 19.15
C LEU D 105 14.76 -45.96 18.45
N ARG D 106 15.45 -46.89 19.14
CA ARG D 106 16.54 -47.69 18.55
C ARG D 106 15.98 -48.52 17.39
N GLU D 107 14.83 -49.17 17.60
CA GLU D 107 14.14 -50.00 16.57
C GLU D 107 13.76 -49.10 15.39
N ALA D 108 13.27 -47.89 15.65
CA ALA D 108 12.87 -46.90 14.62
C ALA D 108 14.08 -46.54 13.75
N LEU D 109 15.23 -46.23 14.38
CA LEU D 109 16.48 -45.86 13.68
C LEU D 109 16.95 -47.03 12.79
N ALA D 110 16.91 -48.26 13.31
CA ALA D 110 17.31 -49.49 12.57
C ALA D 110 16.44 -49.69 11.32
N ALA D 111 15.20 -49.19 11.34
CA ALA D 111 14.22 -49.29 10.22
C ALA D 111 14.39 -48.14 9.23
N GLY D 112 15.38 -47.27 9.44
CA GLY D 112 15.70 -46.14 8.54
C GLY D 112 14.78 -44.95 8.75
N VAL D 113 14.11 -44.88 9.91
CA VAL D 113 13.24 -43.74 10.30
C VAL D 113 14.07 -42.77 11.13
N LEU D 114 13.88 -41.46 10.92
CA LEU D 114 14.37 -40.38 11.82
C LEU D 114 13.25 -39.99 12.76
N PRO D 115 13.18 -40.54 14.00
CA PRO D 115 12.14 -40.15 14.94
C PRO D 115 12.21 -38.64 15.23
N ILE D 116 11.05 -37.99 15.26
CA ILE D 116 10.87 -36.59 15.73
C ILE D 116 10.24 -36.67 17.12
N ALA D 117 11.05 -36.42 18.16
CA ALA D 117 10.68 -36.62 19.58
C ALA D 117 10.06 -35.34 20.14
N ALA D 118 8.95 -35.49 20.87
CA ALA D 118 8.34 -34.43 21.69
C ALA D 118 9.22 -34.24 22.93
N VAL D 119 9.77 -33.04 23.09
CA VAL D 119 10.77 -32.71 24.16
C VAL D 119 10.36 -31.40 24.83
N ASP D 120 10.75 -31.27 26.11
CA ASP D 120 10.63 -30.03 26.91
C ASP D 120 12.00 -29.35 26.93
N ASN D 121 12.10 -28.12 26.42
CA ASN D 121 13.36 -27.34 26.31
C ASN D 121 14.00 -27.17 27.70
N PHE D 122 13.20 -27.15 28.76
CA PHE D 122 13.66 -27.05 30.17
C PHE D 122 14.76 -28.09 30.44
N HIS D 123 14.66 -29.29 29.86
CA HIS D 123 15.53 -30.46 30.18
C HIS D 123 16.58 -30.70 29.10
N LEU D 124 16.71 -29.80 28.11
CA LEU D 124 17.72 -29.93 27.02
C LEU D 124 18.89 -29.00 27.32
N PRO D 125 20.09 -29.53 27.67
CA PRO D 125 21.21 -28.69 28.11
C PRO D 125 21.66 -27.64 27.09
N PHE D 126 21.45 -27.89 25.79
CA PHE D 126 21.88 -27.00 24.67
C PHE D 126 20.82 -25.93 24.38
N ARG D 127 19.64 -26.00 24.99
CA ARG D 127 18.55 -25.00 24.77
C ARG D 127 18.71 -23.84 25.76
N PRO D 128 18.51 -22.58 25.34
CA PRO D 128 18.51 -21.44 26.26
C PRO D 128 17.56 -21.62 27.46
N ALA D 129 16.46 -22.35 27.26
CA ALA D 129 15.42 -22.60 28.29
C ALA D 129 15.91 -23.58 29.37
N PHE D 130 17.09 -24.20 29.20
CA PHE D 130 17.59 -25.28 30.10
C PHE D 130 17.47 -24.82 31.56
N HIS D 131 16.71 -25.58 32.36
CA HIS D 131 16.45 -25.36 33.80
C HIS D 131 15.98 -23.92 34.06
N ASP D 132 15.25 -23.32 33.12
CA ASP D 132 14.78 -21.91 33.22
C ASP D 132 13.32 -21.78 32.78
N VAL D 133 12.95 -22.35 31.62
CA VAL D 133 11.60 -22.19 31.01
C VAL D 133 11.14 -23.54 30.47
N HIS D 134 9.93 -23.98 30.83
CA HIS D 134 9.26 -25.17 30.28
C HIS D 134 8.61 -24.79 28.94
N ALA D 135 8.85 -25.58 27.88
CA ALA D 135 8.32 -25.34 26.52
C ALA D 135 8.28 -26.65 25.73
N ALA D 136 7.11 -27.01 25.22
CA ALA D 136 6.87 -28.20 24.37
C ALA D 136 7.43 -27.95 22.97
N HIS D 137 8.39 -28.78 22.57
CA HIS D 137 9.33 -28.58 21.42
C HIS D 137 9.46 -29.91 20.68
N LEU D 138 10.02 -29.89 19.46
CA LEU D 138 10.38 -31.11 18.69
C LEU D 138 11.85 -31.03 18.31
N LEU D 139 12.54 -32.18 18.30
CA LEU D 139 13.87 -32.32 17.67
C LEU D 139 13.95 -33.68 16.97
N VAL D 140 14.97 -33.85 16.14
CA VAL D 140 15.26 -35.11 15.40
C VAL D 140 16.25 -35.92 16.23
N VAL D 141 15.95 -37.21 16.43
CA VAL D 141 16.92 -38.22 16.95
C VAL D 141 17.49 -38.97 15.73
N TYR D 142 18.81 -39.02 15.57
CA TYR D 142 19.47 -39.63 14.38
C TYR D 142 20.46 -40.74 14.77
N ARG D 143 20.81 -40.89 16.05
CA ARG D 143 21.74 -41.94 16.52
C ARG D 143 21.56 -42.15 18.03
N ILE D 144 21.58 -43.41 18.47
CA ILE D 144 21.52 -43.79 19.91
C ILE D 144 22.64 -44.79 20.17
N THR D 145 23.40 -44.56 21.25
CA THR D 145 24.42 -45.48 21.79
C THR D 145 23.93 -45.93 23.18
N GLU D 146 24.75 -46.69 23.90
CA GLU D 146 24.38 -47.20 25.25
C GLU D 146 24.15 -46.01 26.20
N THR D 147 24.90 -44.91 26.05
CA THR D 147 24.98 -43.81 27.06
C THR D 147 24.50 -42.47 26.48
N GLU D 148 24.33 -42.34 25.16
CA GLU D 148 24.07 -41.04 24.51
C GLU D 148 22.95 -41.15 23.47
N VAL D 149 22.18 -40.07 23.35
CA VAL D 149 21.18 -39.83 22.27
C VAL D 149 21.69 -38.65 21.45
N TYR D 150 21.91 -38.87 20.15
CA TYR D 150 22.36 -37.83 19.19
C TYR D 150 21.12 -37.12 18.65
N VAL D 151 21.01 -35.81 18.90
CA VAL D 151 19.82 -35.02 18.54
C VAL D 151 20.24 -33.91 17.57
N SER D 152 19.31 -33.53 16.70
CA SER D 152 19.46 -32.44 15.70
C SER D 152 18.32 -31.45 15.92
N ASP D 153 18.64 -30.19 16.23
CA ASP D 153 17.65 -29.13 16.55
C ASP D 153 18.12 -27.81 15.92
N ALA D 154 17.51 -27.41 14.80
CA ALA D 154 17.94 -26.24 13.98
C ALA D 154 17.43 -24.93 14.58
N GLN D 155 16.53 -24.98 15.58
CA GLN D 155 15.97 -23.74 16.18
C GLN D 155 17.12 -22.97 16.83
N PRO D 156 17.26 -21.65 16.58
CA PRO D 156 18.35 -20.87 17.18
C PRO D 156 18.35 -21.03 18.70
N PRO D 157 19.50 -21.32 19.35
CA PRO D 157 20.76 -21.59 18.68
C PRO D 157 20.84 -23.07 18.27
N ALA D 158 21.13 -23.32 16.99
CA ALA D 158 21.12 -24.67 16.37
C ALA D 158 22.13 -25.57 17.10
N PHE D 159 21.79 -26.84 17.28
CA PHE D 159 22.65 -27.87 17.93
C PHE D 159 22.48 -29.19 17.16
N GLN D 160 23.60 -29.90 16.99
CA GLN D 160 23.60 -31.27 16.45
C GLN D 160 24.71 -32.06 17.15
N GLY D 161 24.34 -33.11 17.88
CA GLY D 161 25.31 -34.02 18.51
C GLY D 161 24.72 -34.80 19.67
N ALA D 162 25.59 -35.52 20.39
CA ALA D 162 25.22 -36.39 21.53
C ALA D 162 24.83 -35.53 22.73
N ILE D 163 23.76 -35.92 23.43
CA ILE D 163 23.48 -35.51 24.84
C ILE D 163 23.40 -36.78 25.67
N PRO D 164 23.69 -36.72 26.99
CA PRO D 164 23.53 -37.87 27.86
C PRO D 164 22.10 -38.45 27.82
N LEU D 165 21.99 -39.78 27.78
CA LEU D 165 20.72 -40.54 27.81
C LEU D 165 19.77 -39.97 28.87
N ALA D 166 20.27 -39.69 30.08
CA ALA D 166 19.49 -39.19 31.23
C ALA D 166 18.80 -37.87 30.87
N ASP D 167 19.52 -36.96 30.19
CA ASP D 167 19.01 -35.64 29.78
C ASP D 167 17.91 -35.81 28.74
N PHE D 168 18.11 -36.66 27.73
CA PHE D 168 17.10 -36.95 26.68
C PHE D 168 15.83 -37.51 27.34
N LEU D 169 15.98 -38.54 28.18
CA LEU D 169 14.83 -39.20 28.86
C LEU D 169 14.05 -38.17 29.69
N ALA D 170 14.76 -37.28 30.39
CA ALA D 170 14.16 -36.22 31.25
C ALA D 170 13.32 -35.27 30.38
N SER D 171 13.78 -34.98 29.17
CA SER D 171 13.11 -34.07 28.21
C SER D 171 11.95 -34.80 27.52
N TRP D 172 12.20 -36.03 27.06
CA TRP D 172 11.23 -36.89 26.31
C TRP D 172 10.08 -37.32 27.24
N GLY D 173 10.34 -37.46 28.54
CA GLY D 173 9.34 -37.88 29.54
C GLY D 173 8.81 -36.73 30.37
N SER D 174 9.16 -35.49 30.02
CA SER D 174 8.89 -34.29 30.85
C SER D 174 7.38 -34.11 31.06
N LEU D 175 7.00 -33.80 32.30
CA LEU D 175 5.63 -33.37 32.69
C LEU D 175 5.30 -32.04 32.00
N ASN D 176 6.32 -31.22 31.72
CA ASN D 176 6.16 -29.86 31.13
C ASN D 176 5.03 -29.14 31.86
N PRO D 177 5.15 -28.93 33.19
CA PRO D 177 4.03 -28.42 33.98
C PRO D 177 3.74 -26.96 33.63
N PRO D 178 2.55 -26.43 33.99
CA PRO D 178 2.24 -25.02 33.77
C PRO D 178 3.37 -24.14 34.32
N ASP D 179 3.89 -23.24 33.48
CA ASP D 179 5.05 -22.37 33.78
C ASP D 179 4.62 -20.92 33.53
N ASP D 180 4.64 -20.08 34.57
CA ASP D 180 4.18 -18.67 34.46
CA ASP D 180 4.23 -18.65 34.53
C ASP D 180 5.19 -17.87 33.62
N ALA D 181 6.37 -18.43 33.33
CA ALA D 181 7.38 -17.85 32.41
C ALA D 181 7.10 -18.27 30.96
N ASP D 182 6.15 -19.18 30.74
CA ASP D 182 5.77 -19.64 29.36
C ASP D 182 4.30 -20.04 29.33
N VAL D 183 3.41 -19.07 29.14
CA VAL D 183 1.94 -19.27 29.12
C VAL D 183 1.51 -19.88 27.77
N PHE D 184 2.41 -20.03 26.80
CA PHE D 184 2.07 -20.46 25.42
C PHE D 184 2.36 -21.97 25.23
N PHE D 185 3.53 -22.45 25.67
CA PHE D 185 4.07 -23.77 25.29
C PHE D 185 4.32 -24.67 26.51
N SER D 186 3.83 -24.30 27.71
CA SER D 186 3.91 -25.14 28.92
C SER D 186 2.56 -25.84 29.14
N ALA D 187 2.50 -26.78 30.09
CA ALA D 187 1.32 -27.60 30.44
C ALA D 187 0.95 -28.55 29.30
N SER D 188 1.95 -29.07 28.58
CA SER D 188 1.78 -30.10 27.52
C SER D 188 2.85 -31.18 27.69
N PRO D 189 2.61 -32.22 28.52
CA PRO D 189 3.61 -33.25 28.77
C PRO D 189 4.19 -33.82 27.47
N SER D 190 5.50 -34.03 27.43
CA SER D 190 6.21 -34.68 26.29
C SER D 190 5.59 -36.07 26.05
N GLY D 191 5.30 -36.80 27.14
CA GLY D 191 4.60 -38.09 27.13
C GLY D 191 5.33 -39.15 26.33
N ARG D 192 6.65 -39.01 26.17
CA ARG D 192 7.50 -39.91 25.35
C ARG D 192 6.82 -40.10 23.97
N ARG D 193 6.27 -39.00 23.43
CA ARG D 193 5.62 -38.98 22.10
C ARG D 193 6.71 -38.82 21.04
N TRP D 194 6.54 -39.49 19.89
CA TRP D 194 7.41 -39.25 18.71
C TRP D 194 6.59 -39.39 17.43
N LEU D 195 7.02 -38.64 16.40
CA LEU D 195 6.39 -38.59 15.07
C LEU D 195 7.21 -39.45 14.11
N ARG D 196 6.53 -40.37 13.42
CA ARG D 196 7.10 -41.18 12.31
C ARG D 196 6.56 -40.61 11.00
N THR D 197 7.43 -40.14 10.11
CA THR D 197 7.06 -39.55 8.80
C THR D 197 7.53 -40.49 7.68
N ARG D 198 6.78 -40.51 6.57
CA ARG D 198 7.13 -41.29 5.36
C ARG D 198 6.49 -40.66 4.13
N MET D 199 7.24 -40.59 3.03
CA MET D 199 6.71 -40.34 1.67
C MET D 199 6.24 -41.69 1.11
N THR D 200 4.94 -41.84 0.85
CA THR D 200 4.27 -43.14 0.52
C THR D 200 4.27 -43.37 -1.00
N GLY D 201 4.82 -42.44 -1.78
CA GLY D 201 4.96 -42.56 -3.24
C GLY D 201 5.95 -41.55 -3.79
N PRO D 202 6.34 -41.66 -5.08
CA PRO D 202 7.09 -40.60 -5.75
C PRO D 202 6.37 -39.25 -5.61
N VAL D 203 7.13 -38.18 -5.43
CA VAL D 203 6.62 -36.78 -5.36
C VAL D 203 6.01 -36.45 -6.72
N PRO D 204 4.98 -35.58 -6.80
CA PRO D 204 4.54 -35.04 -8.09
C PRO D 204 5.70 -34.22 -8.69
N GLU D 205 5.84 -34.21 -10.01
CA GLU D 205 6.82 -33.36 -10.72
C GLU D 205 6.38 -31.91 -10.57
N PRO D 206 7.23 -31.01 -10.01
CA PRO D 206 6.87 -29.61 -9.82
C PRO D 206 7.12 -28.76 -11.07
N ASP D 207 6.25 -28.90 -12.09
CA ASP D 207 6.33 -28.14 -13.37
C ASP D 207 5.34 -26.96 -13.31
N ARG D 208 5.35 -26.10 -14.33
CA ARG D 208 4.55 -24.85 -14.42
C ARG D 208 3.07 -25.16 -14.14
N HIS D 209 2.52 -26.21 -14.77
CA HIS D 209 1.09 -26.60 -14.66
C HIS D 209 0.77 -27.00 -13.20
N TRP D 210 1.65 -27.78 -12.57
CA TRP D 210 1.48 -28.23 -11.16
C TRP D 210 1.46 -27.02 -10.23
N VAL D 211 2.40 -26.07 -10.41
CA VAL D 211 2.49 -24.84 -9.58
C VAL D 211 1.20 -24.03 -9.76
N GLY D 212 0.71 -23.91 -11.00
CA GLY D 212 -0.58 -23.28 -11.32
C GLY D 212 -1.72 -23.88 -10.54
N ARG D 213 -1.86 -25.22 -10.56
CA ARG D 213 -2.92 -25.99 -9.86
C ARG D 213 -2.82 -25.74 -8.36
N VAL D 214 -1.60 -25.76 -7.82
CA VAL D 214 -1.29 -25.55 -6.37
C VAL D 214 -1.80 -24.16 -5.96
N ILE D 215 -1.46 -23.14 -6.72
CA ILE D 215 -1.86 -21.72 -6.45
C ILE D 215 -3.38 -21.62 -6.51
N ARG D 216 -4.00 -22.16 -7.56
CA ARG D 216 -5.48 -22.03 -7.75
C ARG D 216 -6.22 -22.74 -6.62
N GLU D 217 -5.74 -23.91 -6.18
CA GLU D 217 -6.39 -24.68 -5.08
CA GLU D 217 -6.39 -24.68 -5.08
C GLU D 217 -6.24 -23.92 -3.76
N ASN D 218 -5.06 -23.34 -3.50
CA ASN D 218 -4.82 -22.51 -2.30
C ASN D 218 -5.78 -21.32 -2.29
N VAL D 219 -5.92 -20.63 -3.43
CA VAL D 219 -6.79 -19.42 -3.55
C VAL D 219 -8.26 -19.85 -3.35
N ALA D 220 -8.70 -20.92 -4.02
CA ALA D 220 -10.09 -21.42 -3.93
C ALA D 220 -10.40 -21.78 -2.47
N ARG D 221 -9.46 -22.44 -1.78
CA ARG D 221 -9.64 -22.85 -0.37
C ARG D 221 -9.70 -21.61 0.52
N TYR D 222 -8.93 -20.56 0.21
CA TYR D 222 -8.94 -19.29 0.98
C TYR D 222 -10.31 -18.60 0.79
N ARG D 223 -10.88 -18.66 -0.41
CA ARG D 223 -12.12 -17.92 -0.76
C ARG D 223 -13.37 -18.67 -0.26
N GLN D 224 -13.29 -19.99 -0.08
CA GLN D 224 -14.44 -20.86 0.32
C GLN D 224 -14.94 -20.47 1.72
N GLU D 225 -16.24 -20.22 1.85
CA GLU D 225 -16.89 -19.98 3.16
C GLU D 225 -16.85 -21.29 3.96
N PRO D 226 -16.46 -21.26 5.25
CA PRO D 226 -16.50 -22.47 6.09
C PRO D 226 -17.93 -22.92 6.37
N PRO D 227 -18.20 -24.24 6.47
CA PRO D 227 -19.56 -24.74 6.66
C PRO D 227 -20.10 -24.60 8.09
N ALA D 228 -19.22 -24.67 9.10
CA ALA D 228 -19.61 -24.86 10.50
C ALA D 228 -18.61 -24.19 11.45
N ASP D 229 -18.26 -24.84 12.56
CA ASP D 229 -17.54 -24.23 13.71
C ASP D 229 -16.06 -24.01 13.37
N THR D 230 -15.47 -24.82 12.47
CA THR D 230 -14.06 -24.66 12.02
C THR D 230 -13.98 -23.42 11.14
N GLN D 231 -13.17 -22.42 11.55
CA GLN D 231 -12.96 -21.16 10.82
C GLN D 231 -11.80 -21.36 9.83
N THR D 232 -12.10 -21.35 8.53
CA THR D 232 -11.10 -21.61 7.46
C THR D 232 -11.10 -20.48 6.43
N GLY D 233 -9.95 -20.29 5.78
CA GLY D 233 -9.76 -19.32 4.68
C GLY D 233 -9.96 -17.88 5.12
N LEU D 234 -10.13 -16.99 4.16
CA LEU D 234 -10.28 -15.53 4.38
C LEU D 234 -11.53 -15.26 5.20
N PRO D 235 -12.71 -15.86 4.88
CA PRO D 235 -13.90 -15.62 5.69
C PRO D 235 -13.72 -16.09 7.14
N GLY D 236 -13.08 -17.24 7.33
CA GLY D 236 -12.78 -17.79 8.68
C GLY D 236 -11.86 -16.87 9.45
N LEU D 237 -10.83 -16.34 8.79
CA LEU D 237 -9.85 -15.41 9.42
C LEU D 237 -10.58 -14.15 9.90
N ARG D 238 -11.42 -13.57 9.04
CA ARG D 238 -12.27 -12.39 9.38
C ARG D 238 -13.05 -12.67 10.68
N ARG D 239 -13.76 -13.79 10.72
CA ARG D 239 -14.61 -14.20 11.87
C ARG D 239 -13.74 -14.43 13.10
N TYR D 240 -12.62 -15.14 12.95
CA TYR D 240 -11.68 -15.45 14.05
C TYR D 240 -11.20 -14.14 14.70
N LEU D 241 -10.74 -13.18 13.87
CA LEU D 241 -10.15 -11.90 14.35
C LEU D 241 -11.24 -11.03 14.99
N ASP D 242 -12.45 -11.01 14.41
CA ASP D 242 -13.62 -10.28 14.98
C ASP D 242 -13.92 -10.85 16.37
N GLU D 243 -13.97 -12.18 16.49
CA GLU D 243 -14.21 -12.92 17.75
C GLU D 243 -13.15 -12.52 18.79
N LEU D 244 -11.89 -12.52 18.39
CA LEU D 244 -10.73 -12.19 19.28
C LEU D 244 -10.89 -10.75 19.81
N CYS D 245 -11.14 -9.80 18.90
CA CYS D 245 -11.19 -8.35 19.20
C CYS D 245 -12.42 -8.01 20.05
N ALA D 246 -13.44 -8.88 20.09
CA ALA D 246 -14.70 -8.66 20.84
C ALA D 246 -14.48 -8.92 22.34
N LEU D 247 -13.48 -9.74 22.71
CA LEU D 247 -13.21 -10.12 24.12
C LEU D 247 -12.66 -8.90 24.87
N THR D 248 -13.00 -8.78 26.16
CA THR D 248 -12.54 -7.70 27.07
C THR D 248 -11.11 -7.98 27.48
N PRO D 249 -10.13 -7.09 27.16
CA PRO D 249 -8.75 -7.28 27.59
C PRO D 249 -8.62 -7.46 29.12
N GLY D 250 -7.77 -8.40 29.55
CA GLY D 250 -7.46 -8.65 30.97
C GLY D 250 -8.31 -9.76 31.58
N THR D 251 -9.41 -10.16 30.93
CA THR D 251 -10.32 -11.24 31.39
C THR D 251 -9.66 -12.61 31.14
N ASN D 252 -10.13 -13.64 31.83
CA ASN D 252 -9.66 -15.05 31.69
C ASN D 252 -9.91 -15.50 30.24
N ALA D 253 -11.06 -15.13 29.68
CA ALA D 253 -11.49 -15.47 28.30
C ALA D 253 -10.52 -14.86 27.27
N ALA D 254 -10.19 -13.58 27.44
CA ALA D 254 -9.24 -12.85 26.57
C ALA D 254 -7.85 -13.48 26.67
N SER D 255 -7.40 -13.80 27.89
CA SER D 255 -6.08 -14.42 28.17
C SER D 255 -5.98 -15.77 27.45
N GLU D 256 -7.01 -16.61 27.58
CA GLU D 256 -7.09 -17.94 26.91
C GLU D 256 -7.02 -17.73 25.38
N ALA D 257 -7.76 -16.77 24.85
CA ALA D 257 -7.85 -16.47 23.40
C ALA D 257 -6.49 -15.97 22.88
N LEU D 258 -5.78 -15.16 23.66
CA LEU D 258 -4.47 -14.58 23.24
C LEU D 258 -3.37 -15.65 23.30
N SER D 259 -3.41 -16.55 24.29
CA SER D 259 -2.50 -17.73 24.36
C SER D 259 -2.72 -18.58 23.10
N GLU D 260 -3.98 -18.86 22.77
CA GLU D 260 -4.34 -19.63 21.54
C GLU D 260 -3.81 -18.90 20.31
N LEU D 261 -4.07 -17.60 20.20
CA LEU D 261 -3.68 -16.77 19.03
C LEU D 261 -2.19 -16.97 18.77
N TYR D 262 -1.35 -16.76 19.79
CA TYR D 262 0.13 -16.79 19.65
C TYR D 262 0.59 -18.17 19.19
N VAL D 263 0.02 -19.22 19.78
CA VAL D 263 0.37 -20.64 19.50
C VAL D 263 -0.03 -21.00 18.06
N ILE D 264 -1.31 -20.87 17.71
CA ILE D 264 -1.79 -21.35 16.37
C ILE D 264 -1.11 -20.49 15.29
N SER D 265 -0.94 -19.19 15.52
CA SER D 265 -0.46 -18.23 14.49
C SER D 265 1.02 -18.46 14.17
N TRP D 266 1.80 -19.12 15.04
CA TRP D 266 3.25 -19.34 14.75
C TRP D 266 3.40 -20.13 13.45
N ASN D 267 2.79 -21.32 13.37
CA ASN D 267 2.99 -22.25 12.23
C ASN D 267 2.16 -21.79 11.02
N ILE D 268 1.09 -21.02 11.26
CA ILE D 268 0.30 -20.37 10.18
C ILE D 268 1.17 -19.28 9.54
N GLN D 269 1.84 -18.46 10.36
CA GLN D 269 2.79 -17.41 9.88
C GLN D 269 3.98 -18.10 9.19
N ALA D 270 4.50 -19.17 9.78
CA ALA D 270 5.64 -19.95 9.24
C ALA D 270 5.29 -20.45 7.83
N GLN D 271 4.09 -20.97 7.65
CA GLN D 271 3.63 -21.49 6.33
C GLN D 271 3.56 -20.33 5.33
N SER D 272 3.09 -19.16 5.76
CA SER D 272 3.05 -17.93 4.91
C SER D 272 4.45 -17.61 4.40
N GLY D 273 5.44 -17.55 5.30
CA GLY D 273 6.85 -17.30 4.94
C GLY D 273 7.36 -18.33 3.94
N LEU D 274 7.08 -19.61 4.16
CA LEU D 274 7.60 -20.71 3.32
CA LEU D 274 7.58 -20.73 3.32
C LEU D 274 6.92 -20.65 1.94
N HIS D 275 5.63 -20.33 1.90
CA HIS D 275 4.87 -20.23 0.63
C HIS D 275 5.46 -19.09 -0.21
N ALA D 276 5.77 -17.95 0.40
CA ALA D 276 6.43 -16.80 -0.26
C ALA D 276 7.77 -17.28 -0.84
N GLU D 277 8.55 -18.03 -0.07
CA GLU D 277 9.87 -18.57 -0.51
C GLU D 277 9.68 -19.51 -1.72
N PHE D 278 8.70 -20.42 -1.63
CA PHE D 278 8.32 -21.36 -2.72
C PHE D 278 8.02 -20.55 -4.00
N LEU D 279 7.26 -19.47 -3.89
CA LEU D 279 6.87 -18.63 -5.05
C LEU D 279 8.13 -17.94 -5.61
N ARG D 280 8.99 -17.40 -4.75
CA ARG D 280 10.24 -16.73 -5.17
C ARG D 280 11.12 -17.72 -5.92
N ALA D 281 11.26 -18.94 -5.39
CA ALA D 281 12.13 -20.00 -5.95
C ALA D 281 11.73 -20.28 -7.41
N HIS D 282 10.43 -20.41 -7.67
CA HIS D 282 9.88 -20.74 -9.02
C HIS D 282 9.90 -19.48 -9.90
N SER D 283 9.77 -18.28 -9.31
CA SER D 283 9.93 -17.00 -10.05
C SER D 283 11.32 -16.96 -10.70
N VAL D 284 12.36 -17.33 -9.93
CA VAL D 284 13.78 -17.33 -10.38
C VAL D 284 13.97 -18.44 -11.42
N LYS D 285 13.53 -19.65 -11.09
CA LYS D 285 13.70 -20.87 -11.94
C LYS D 285 13.18 -20.59 -13.36
N TRP D 286 11.98 -20.02 -13.49
CA TRP D 286 11.26 -19.85 -14.78
C TRP D 286 11.27 -18.40 -15.26
N ARG D 287 11.87 -17.49 -14.49
CA ARG D 287 11.94 -16.03 -14.80
C ARG D 287 10.51 -15.52 -15.06
N ILE D 288 9.59 -15.78 -14.13
CA ILE D 288 8.17 -15.33 -14.18
C ILE D 288 7.98 -14.31 -13.07
N PRO D 289 7.97 -13.00 -13.39
CA PRO D 289 7.91 -11.96 -12.36
C PRO D 289 6.60 -11.97 -11.55
N GLU D 290 5.50 -12.49 -12.10
CA GLU D 290 4.19 -12.59 -11.40
C GLU D 290 4.34 -13.44 -10.15
N LEU D 291 5.20 -14.47 -10.18
CA LEU D 291 5.45 -15.35 -9.01
C LEU D 291 6.18 -14.56 -7.92
N ALA D 292 7.13 -13.69 -8.29
CA ALA D 292 7.87 -12.81 -7.36
C ALA D 292 6.93 -11.76 -6.76
N GLU D 293 6.03 -11.21 -7.57
CA GLU D 293 5.04 -10.19 -7.13
C GLU D 293 4.06 -10.85 -6.15
N ALA D 294 3.54 -12.03 -6.49
CA ALA D 294 2.67 -12.84 -5.60
C ALA D 294 3.42 -13.14 -4.30
N ALA D 295 4.70 -13.52 -4.39
CA ALA D 295 5.55 -13.82 -3.21
C ALA D 295 5.54 -12.62 -2.26
N ALA D 296 5.72 -11.41 -2.78
CA ALA D 296 5.71 -10.15 -2.00
C ALA D 296 4.37 -10.01 -1.28
N GLY D 297 3.27 -10.33 -1.97
CA GLY D 297 1.90 -10.29 -1.42
C GLY D 297 1.76 -11.27 -0.27
N VAL D 298 2.27 -12.49 -0.44
CA VAL D 298 2.19 -13.56 0.60
C VAL D 298 3.08 -13.17 1.78
N ASP D 299 4.29 -12.66 1.53
CA ASP D 299 5.20 -12.18 2.60
C ASP D 299 4.51 -11.05 3.40
N ALA D 300 3.73 -10.19 2.75
CA ALA D 300 2.97 -9.11 3.43
C ALA D 300 1.98 -9.72 4.43
N VAL D 301 1.41 -10.89 4.12
CA VAL D 301 0.53 -11.65 5.08
C VAL D 301 1.39 -12.20 6.21
N ALA D 302 2.51 -12.85 5.90
CA ALA D 302 3.47 -13.36 6.91
C ALA D 302 3.85 -12.21 7.87
N HIS D 303 4.17 -11.04 7.32
CA HIS D 303 4.55 -9.83 8.10
C HIS D 303 3.34 -9.28 8.87
N GLY D 304 2.15 -9.32 8.27
CA GLY D 304 0.90 -8.90 8.91
C GLY D 304 0.64 -9.69 10.19
N TRP D 305 0.90 -10.99 10.16
CA TRP D 305 0.76 -11.88 11.35
C TRP D 305 1.62 -11.35 12.51
N THR D 306 2.80 -10.77 12.24
CA THR D 306 3.70 -10.26 13.30
C THR D 306 2.96 -9.22 14.15
N GLY D 307 2.38 -8.21 13.50
CA GLY D 307 1.63 -7.13 14.18
C GLY D 307 0.55 -7.70 15.09
N VAL D 308 -0.22 -8.67 14.58
CA VAL D 308 -1.36 -9.28 15.31
C VAL D 308 -0.82 -10.08 16.49
N ARG D 309 0.11 -11.00 16.27
CA ARG D 309 0.49 -11.98 17.32
C ARG D 309 1.38 -11.30 18.37
N MET D 310 2.13 -10.25 18.02
CA MET D 310 3.01 -9.56 19.01
C MET D 310 2.19 -8.56 19.84
N THR D 311 1.22 -7.86 19.24
CA THR D 311 0.25 -7.06 20.05
C THR D 311 -0.44 -8.00 21.04
N GLY D 312 -0.90 -9.17 20.57
CA GLY D 312 -1.51 -10.21 21.41
C GLY D 312 -0.60 -10.67 22.54
N ALA D 313 0.65 -11.02 22.21
CA ALA D 313 1.65 -11.57 23.16
C ALA D 313 1.89 -10.59 24.31
N HIS D 314 2.13 -9.31 24.00
CA HIS D 314 2.44 -8.26 25.01
C HIS D 314 1.21 -7.99 25.88
N SER D 315 0.00 -8.08 25.31
CA SER D 315 -1.27 -7.96 26.05
C SER D 315 -1.40 -9.13 27.05
N ARG D 316 -1.13 -10.35 26.58
CA ARG D 316 -1.23 -11.60 27.38
C ARG D 316 -0.20 -11.61 28.51
N VAL D 317 1.07 -11.29 28.21
CA VAL D 317 2.22 -11.53 29.12
C VAL D 317 2.45 -10.31 30.01
N TRP D 318 2.43 -9.10 29.45
CA TRP D 318 2.83 -7.84 30.14
C TRP D 318 1.62 -6.93 30.38
N GLN D 319 0.41 -7.44 30.17
CA GLN D 319 -0.87 -6.71 30.41
C GLN D 319 -0.86 -5.40 29.63
N ARG D 320 -0.21 -5.38 28.45
CA ARG D 320 -0.20 -4.21 27.53
C ARG D 320 -1.48 -4.25 26.70
N HIS D 321 -2.59 -3.80 27.29
CA HIS D 321 -3.94 -3.84 26.68
C HIS D 321 -4.06 -2.69 25.66
N ARG D 322 -4.11 -3.03 24.37
CA ARG D 322 -4.16 -2.06 23.26
C ARG D 322 -5.17 -2.57 22.23
N PRO D 323 -6.48 -2.54 22.56
CA PRO D 323 -7.50 -3.10 21.67
C PRO D 323 -7.52 -2.41 20.31
N ALA D 324 -7.27 -1.09 20.25
CA ALA D 324 -7.23 -0.32 18.99
C ALA D 324 -6.07 -0.85 18.11
N GLU D 325 -4.90 -1.08 18.71
CA GLU D 325 -3.72 -1.62 17.98
C GLU D 325 -4.04 -3.01 17.42
N LEU D 326 -4.59 -3.90 18.26
CA LEU D 326 -4.90 -5.30 17.86
C LEU D 326 -5.90 -5.29 16.70
N ARG D 327 -6.95 -4.46 16.81
CA ARG D 327 -8.01 -4.34 15.77
C ARG D 327 -7.37 -3.80 14.48
N GLY D 328 -6.48 -2.81 14.59
CA GLY D 328 -5.74 -2.22 13.46
C GLY D 328 -4.91 -3.26 12.73
N HIS D 329 -4.12 -4.05 13.46
CA HIS D 329 -3.26 -5.13 12.89
C HIS D 329 -4.14 -6.21 12.25
N ALA D 330 -5.22 -6.62 12.93
CA ALA D 330 -6.19 -7.62 12.43
C ALA D 330 -6.75 -7.17 11.08
N THR D 331 -7.22 -5.91 11.01
CA THR D 331 -7.81 -5.33 9.78
C THR D 331 -6.78 -5.30 8.66
N ALA D 332 -5.53 -4.91 8.97
CA ALA D 332 -4.41 -4.84 7.99
C ALA D 332 -4.12 -6.25 7.46
N LEU D 333 -4.12 -7.26 8.33
CA LEU D 333 -3.81 -8.66 7.98
C LEU D 333 -4.82 -9.17 6.94
N VAL D 334 -6.11 -8.94 7.20
CA VAL D 334 -7.22 -9.33 6.28
C VAL D 334 -7.02 -8.64 4.92
N ARG D 335 -6.75 -7.34 4.91
CA ARG D 335 -6.54 -6.56 3.66
C ARG D 335 -5.35 -7.12 2.89
N ARG D 336 -4.25 -7.44 3.57
CA ARG D 336 -3.04 -8.01 2.92
C ARG D 336 -3.38 -9.38 2.32
N LEU D 337 -4.15 -10.21 3.02
CA LEU D 337 -4.59 -11.53 2.49
C LEU D 337 -5.45 -11.31 1.24
N GLU D 338 -6.43 -10.39 1.28
CA GLU D 338 -7.27 -10.07 0.09
C GLU D 338 -6.35 -9.78 -1.11
N ALA D 339 -5.38 -8.89 -0.92
CA ALA D 339 -4.45 -8.40 -1.98
C ALA D 339 -3.60 -9.57 -2.49
N ALA D 340 -3.12 -10.43 -1.58
CA ALA D 340 -2.25 -11.58 -1.90
C ALA D 340 -3.01 -12.55 -2.82
N LEU D 341 -4.29 -12.80 -2.55
CA LEU D 341 -5.10 -13.78 -3.32
C LEU D 341 -5.22 -13.31 -4.78
N ASP D 342 -5.44 -12.01 -5.01
CA ASP D 342 -5.54 -11.41 -6.37
C ASP D 342 -4.19 -11.54 -7.10
N LEU D 343 -3.08 -11.26 -6.41
CA LEU D 343 -1.72 -11.36 -7.03
C LEU D 343 -1.44 -12.83 -7.38
N LEU D 344 -1.88 -13.76 -6.55
CA LEU D 344 -1.68 -15.23 -6.80
C LEU D 344 -2.44 -15.64 -8.05
N GLU D 345 -3.67 -15.16 -8.27
CA GLU D 345 -4.46 -15.54 -9.47
C GLU D 345 -3.72 -15.06 -10.73
N LEU D 346 -3.13 -13.86 -10.69
CA LEU D 346 -2.30 -13.32 -11.81
C LEU D 346 -1.08 -14.23 -12.01
N ALA D 347 -0.47 -14.71 -10.92
CA ALA D 347 0.67 -15.65 -10.96
C ALA D 347 0.23 -16.97 -11.61
N ALA D 348 -0.91 -17.52 -11.19
CA ALA D 348 -1.46 -18.80 -11.73
C ALA D 348 -1.65 -18.67 -13.25
N ASP D 349 -2.21 -17.55 -13.71
CA ASP D 349 -2.46 -17.26 -15.16
C ASP D 349 -1.12 -17.28 -15.92
N ALA D 350 -0.04 -16.79 -15.31
CA ALA D 350 1.29 -16.62 -15.95
C ALA D 350 2.00 -17.97 -16.12
N VAL D 351 1.72 -18.95 -15.24
CA VAL D 351 2.36 -20.29 -15.27
C VAL D 351 1.46 -21.30 -15.97
N SER D 352 0.14 -21.09 -15.99
CA SER D 352 -0.88 -22.00 -16.58
C SER D 352 -0.99 -21.78 -18.09
#